data_9KDM
#
_entry.id   9KDM
#
loop_
_entity.id
_entity.type
_entity.pdbx_description
1 polymer 'Sodium-dependent noradrenaline transporter'
2 non-polymer (1R,2S)-2-(aminomethyl)-N,N-diethyl-1-phenyl-cyclopropane-1-carboxamide
3 non-polymer CHOLESTEROL
4 non-polymer '[(2~{R})-1-[[(2~{S})-2,3-bis(oxidanyl)propoxy]-oxidanyl-phosphoryl]oxy-3-nonanoyloxy-propan-2-yl] decanoate'
#
_entity_poly.entity_id   1
_entity_poly.type   'polypeptide(L)'
_entity_poly.pdbx_seq_one_letter_code
;MDYKDDDDKGSGMLLARMNPQVQPENNGADTGPEQPLRARKTAELLVVKERNGVQCLLAPRDGDAQPRETWGKKIDFLLS
VVGFAVDLANVWRFPYLCYKNGGGAFLIPYTLFLIIAGMPLFYMELALGQYNREGAATVWKICPFFKGVGYAVILIALYV
GFYYNVIIAWSLYYLFSSFTLNLPWTDCGHTWNSPNCTDPKLLNGSVLGNHTKYSKYKFTPAAEFYERGVLHLHESSGIH
DIGLPQWQLLLCLMVVVIVLYFSLWKGVKTSGKVVWITATLPYFVLFVLLVHGVTLPGASNGINAYLHIDFYRLKEATVW
IDAATQIFFSLGAGFGVLIAFASYNKFDNNCYRDALLTSSINCITSFVSGFAIFSILGYMAHEHKVNIEDVATEGAGLVF
ILYPEAISTLSGSTFWAVVFFVMLLALGLDSSMGGMEAVITGLADDFQVLKRHRKLFTFGVTFSTFLLALFCITKGGIYV
LTLLDTFAAGTSILFAVLMEAIGVSWFYGVDRFSNDIQQMMGFRPGLYWRLCWKFVSPAFLLFVVVVSIINFKPLTYDDY
IFPPWANWVGWGIALSSMVLVPIYVIYKFLSTQGSLWERLAYGITPENEHHLVAQRDIRQFQLQHWLAI
;
_entity_poly.pdbx_strand_id   B,A
#
# COMPACT_ATOMS: atom_id res chain seq x y z
N PRO A 67 -22.49 25.20 8.15
CA PRO A 67 -21.46 25.87 8.96
C PRO A 67 -20.11 25.84 8.27
N ARG A 68 -20.10 26.01 6.94
CA ARG A 68 -18.83 25.98 6.18
C ARG A 68 -17.99 27.20 6.59
N GLU A 69 -16.69 27.00 6.79
CA GLU A 69 -15.80 28.11 7.26
C GLU A 69 -15.43 29.03 6.10
N THR A 70 -16.36 29.90 5.68
CA THR A 70 -16.05 30.87 4.62
C THR A 70 -14.89 31.74 5.09
N TRP A 71 -13.91 31.96 4.21
CA TRP A 71 -12.77 32.85 4.55
C TRP A 71 -13.28 34.04 5.37
N LEU A 78 -5.22 41.59 -2.68
CA LEU A 78 -3.89 42.16 -3.02
C LEU A 78 -2.81 41.09 -2.76
N LEU A 79 -2.34 40.97 -1.52
CA LEU A 79 -1.34 39.93 -1.18
C LEU A 79 -1.96 38.54 -1.39
N SER A 80 -3.28 38.44 -1.26
CA SER A 80 -3.95 37.13 -1.41
C SER A 80 -3.70 36.56 -2.81
N VAL A 81 -4.01 37.34 -3.85
CA VAL A 81 -3.86 36.85 -5.25
C VAL A 81 -2.37 36.65 -5.57
N VAL A 82 -1.51 37.56 -5.10
CA VAL A 82 -0.06 37.47 -5.46
C VAL A 82 0.51 36.20 -4.82
N GLY A 83 0.12 35.88 -3.59
CA GLY A 83 0.58 34.65 -2.92
C GLY A 83 0.04 33.43 -3.63
N PHE A 84 -1.21 33.51 -4.09
CA PHE A 84 -1.85 32.37 -4.81
C PHE A 84 -1.12 32.13 -6.13
N ALA A 85 -0.64 33.21 -6.74
CA ALA A 85 0.05 33.11 -8.05
C ALA A 85 1.38 32.34 -7.90
N VAL A 86 2.14 32.62 -6.85
CA VAL A 86 3.45 31.94 -6.64
C VAL A 86 3.18 30.51 -6.15
N ASP A 87 4.01 29.55 -6.58
CA ASP A 87 3.82 28.14 -6.17
C ASP A 87 5.14 27.39 -6.34
N LEU A 88 5.31 26.29 -5.61
CA LEU A 88 6.53 25.46 -5.78
C LEU A 88 6.65 25.11 -7.28
N ALA A 89 5.52 24.96 -7.96
CA ALA A 89 5.52 24.61 -9.41
C ALA A 89 6.16 25.74 -10.22
N ASN A 90 5.78 26.99 -9.93
CA ASN A 90 6.31 28.15 -10.69
C ASN A 90 7.80 28.36 -10.40
N VAL A 91 8.26 28.00 -9.19
CA VAL A 91 9.68 28.28 -8.81
C VAL A 91 10.54 27.02 -9.00
N TRP A 92 9.96 25.83 -8.93
CA TRP A 92 10.77 24.58 -9.01
C TRP A 92 10.47 23.80 -10.30
N ARG A 93 9.20 23.57 -10.62
CA ARG A 93 8.85 22.73 -11.80
C ARG A 93 9.07 23.51 -13.10
N PHE A 94 8.53 24.73 -13.20
CA PHE A 94 8.62 25.50 -14.46
C PHE A 94 10.08 25.56 -14.93
N PRO A 95 11.07 25.99 -14.10
CA PRO A 95 12.44 26.12 -14.57
C PRO A 95 12.95 24.91 -15.36
N TYR A 96 12.75 23.69 -14.85
CA TYR A 96 13.32 22.50 -15.54
C TYR A 96 12.47 22.16 -16.78
N LEU A 97 11.15 22.35 -16.72
CA LEU A 97 10.30 22.14 -17.92
C LEU A 97 10.74 23.13 -19.00
N CYS A 98 10.97 24.39 -18.62
CA CYS A 98 11.45 25.40 -19.59
C CYS A 98 12.83 24.96 -20.13
N TYR A 99 13.77 24.62 -19.24
CA TYR A 99 15.14 24.24 -19.68
C TYR A 99 15.07 23.05 -20.63
N LYS A 100 14.27 22.04 -20.30
CA LYS A 100 14.17 20.82 -21.12
C LYS A 100 13.55 21.14 -22.50
N ASN A 101 12.55 22.04 -22.55
CA ASN A 101 11.83 22.30 -23.82
C ASN A 101 12.34 23.56 -24.50
N GLY A 102 13.59 23.97 -24.22
CA GLY A 102 14.13 25.22 -24.79
C GLY A 102 13.54 26.44 -24.10
N GLY A 103 14.21 27.59 -24.22
CA GLY A 103 13.74 28.77 -23.47
C GLY A 103 12.37 29.27 -23.89
N GLY A 104 12.24 29.80 -25.11
CA GLY A 104 10.97 30.43 -25.53
C GLY A 104 10.06 29.46 -26.25
N ALA A 105 10.61 28.33 -26.72
CA ALA A 105 9.79 27.30 -27.39
C ALA A 105 8.77 26.73 -26.42
N PHE A 106 8.96 26.94 -25.11
CA PHE A 106 8.02 26.45 -24.09
C PHE A 106 7.03 27.56 -23.76
N LEU A 107 7.47 28.81 -23.87
CA LEU A 107 6.59 29.96 -23.52
C LEU A 107 5.40 30.02 -24.49
N ILE A 108 5.63 29.78 -25.77
CA ILE A 108 4.52 29.88 -26.78
C ILE A 108 3.41 28.88 -26.40
N PRO A 109 3.67 27.57 -26.29
CA PRO A 109 2.64 26.63 -25.86
C PRO A 109 2.05 26.99 -24.50
N TYR A 110 2.91 27.39 -23.56
CA TYR A 110 2.44 27.70 -22.18
C TYR A 110 1.43 28.85 -22.22
N THR A 111 1.75 29.93 -22.93
CA THR A 111 0.84 31.09 -22.99
C THR A 111 -0.45 30.71 -23.67
N LEU A 112 -0.36 29.95 -24.77
CA LEU A 112 -1.57 29.49 -25.50
C LEU A 112 -2.45 28.68 -24.55
N PHE A 113 -1.90 27.65 -23.90
CA PHE A 113 -2.73 26.77 -23.03
C PHE A 113 -3.33 27.60 -21.91
N LEU A 114 -2.59 28.60 -21.42
CA LEU A 114 -3.08 29.47 -20.32
C LEU A 114 -4.31 30.25 -20.81
N ILE A 115 -4.22 30.90 -21.96
CA ILE A 115 -5.34 31.77 -22.42
C ILE A 115 -6.54 30.94 -22.91
N ILE A 116 -6.31 29.84 -23.63
CA ILE A 116 -7.46 29.10 -24.24
C ILE A 116 -7.96 27.98 -23.30
N ALA A 117 -7.18 27.60 -22.28
CA ALA A 117 -7.61 26.45 -21.44
C ALA A 117 -7.36 26.73 -19.95
N GLY A 118 -6.12 27.01 -19.57
CA GLY A 118 -5.79 27.23 -18.14
C GLY A 118 -6.69 28.26 -17.49
N MET A 119 -6.64 29.50 -17.97
CA MET A 119 -7.45 30.60 -17.37
C MET A 119 -8.95 30.28 -17.46
N PRO A 120 -9.52 29.85 -18.60
CA PRO A 120 -10.93 29.46 -18.66
C PRO A 120 -11.31 28.41 -17.64
N LEU A 121 -10.50 27.35 -17.48
CA LEU A 121 -10.82 26.26 -16.55
C LEU A 121 -10.64 26.74 -15.10
N PHE A 122 -9.66 27.62 -14.85
CA PHE A 122 -9.45 28.18 -13.50
C PHE A 122 -10.73 28.89 -13.07
N TYR A 123 -11.35 29.64 -13.98
CA TYR A 123 -12.60 30.39 -13.67
C TYR A 123 -13.72 29.39 -13.39
N MET A 124 -13.80 28.32 -14.17
CA MET A 124 -14.85 27.28 -13.97
C MET A 124 -14.67 26.61 -12.60
N GLU A 125 -13.45 26.17 -12.27
CA GLU A 125 -13.19 25.48 -10.98
C GLU A 125 -13.48 26.44 -9.80
N LEU A 126 -13.12 27.71 -9.92
CA LEU A 126 -13.40 28.71 -8.86
C LEU A 126 -14.92 28.87 -8.70
N ALA A 127 -15.65 29.00 -9.81
CA ALA A 127 -17.11 29.23 -9.75
C ALA A 127 -17.81 27.95 -9.27
N LEU A 128 -17.32 26.79 -9.69
CA LEU A 128 -17.95 25.50 -9.32
C LEU A 128 -17.93 25.34 -7.80
N GLY A 129 -16.81 25.66 -7.16
CA GLY A 129 -16.69 25.52 -5.69
C GLY A 129 -17.37 26.66 -4.96
N GLN A 130 -17.49 27.83 -5.59
CA GLN A 130 -18.05 29.02 -4.90
C GLN A 130 -19.58 29.05 -5.05
N TYR A 131 -20.13 28.22 -5.93
CA TYR A 131 -21.60 28.21 -6.15
C TYR A 131 -22.20 27.01 -5.43
N ASN A 132 -21.53 25.86 -5.53
CA ASN A 132 -22.06 24.62 -4.90
C ASN A 132 -21.55 24.51 -3.47
N ARG A 133 -20.53 25.31 -3.11
CA ARG A 133 -19.95 25.30 -1.75
C ARG A 133 -19.51 23.86 -1.42
N GLU A 134 -18.86 23.19 -2.38
CA GLU A 134 -18.47 21.77 -2.19
C GLU A 134 -17.02 21.53 -2.65
N GLY A 135 -16.46 20.38 -2.29
CA GLY A 135 -15.08 20.04 -2.70
C GLY A 135 -15.07 19.39 -4.08
N ALA A 136 -13.95 18.78 -4.47
CA ALA A 136 -13.80 18.22 -5.82
C ALA A 136 -14.85 17.15 -6.14
N ALA A 137 -15.21 16.29 -5.19
CA ALA A 137 -16.12 15.15 -5.51
C ALA A 137 -17.58 15.51 -5.27
N THR A 138 -17.87 16.37 -4.30
CA THR A 138 -19.28 16.64 -3.94
C THR A 138 -19.89 17.73 -4.80
N VAL A 139 -19.10 18.38 -5.66
CA VAL A 139 -19.66 19.41 -6.59
C VAL A 139 -20.39 18.68 -7.73
N TRP A 140 -20.25 17.35 -7.82
CA TRP A 140 -20.83 16.60 -8.95
C TRP A 140 -22.28 16.21 -8.68
N LYS A 141 -22.90 16.82 -7.68
CA LYS A 141 -24.35 16.60 -7.46
C LYS A 141 -25.06 17.14 -8.71
N ILE A 142 -24.45 18.12 -9.39
CA ILE A 142 -25.03 18.73 -10.62
C ILE A 142 -25.11 17.68 -11.73
N CYS A 143 -24.15 16.76 -11.82
CA CYS A 143 -24.19 15.67 -12.80
C CYS A 143 -23.58 14.50 -12.10
N PRO A 144 -24.41 13.58 -11.58
CA PRO A 144 -23.91 12.46 -10.75
C PRO A 144 -22.91 11.50 -11.35
N PHE A 145 -23.00 11.20 -12.63
CA PHE A 145 -22.11 10.21 -13.25
C PHE A 145 -20.67 10.66 -13.16
N PHE A 146 -20.44 11.95 -12.98
CA PHE A 146 -19.09 12.48 -12.95
C PHE A 146 -18.35 12.53 -11.59
N LYS A 147 -18.94 12.04 -10.50
CA LYS A 147 -18.19 12.06 -9.23
C LYS A 147 -16.85 11.33 -9.29
N GLY A 148 -16.69 10.42 -10.24
CA GLY A 148 -15.41 9.73 -10.43
C GLY A 148 -14.33 10.72 -10.81
N VAL A 149 -14.70 11.82 -11.49
CA VAL A 149 -13.73 12.89 -11.83
C VAL A 149 -13.23 13.53 -10.53
N GLY A 150 -14.13 13.75 -9.56
CA GLY A 150 -13.74 14.30 -8.26
C GLY A 150 -12.83 13.35 -7.50
N TYR A 151 -13.13 12.06 -7.53
CA TYR A 151 -12.28 11.04 -6.85
C TYR A 151 -10.93 10.96 -7.56
N ALA A 152 -10.92 11.17 -8.87
CA ALA A 152 -9.66 11.08 -9.67
C ALA A 152 -8.73 12.23 -9.29
N VAL A 153 -9.26 13.44 -9.17
CA VAL A 153 -8.41 14.65 -8.86
C VAL A 153 -7.92 14.55 -7.41
N ILE A 154 -8.73 13.99 -6.50
CA ILE A 154 -8.30 13.80 -5.09
C ILE A 154 -7.16 12.78 -5.05
N LEU A 155 -7.25 11.73 -5.87
CA LEU A 155 -6.16 10.72 -5.93
C LEU A 155 -4.90 11.36 -6.51
N ILE A 156 -5.04 12.22 -7.53
CA ILE A 156 -3.88 12.93 -8.14
C ILE A 156 -3.24 13.84 -7.08
N ALA A 157 -4.06 14.57 -6.31
CA ALA A 157 -3.54 15.46 -5.26
C ALA A 157 -2.74 14.65 -4.24
N LEU A 158 -3.22 13.46 -3.88
CA LEU A 158 -2.50 12.58 -2.92
C LEU A 158 -1.18 12.12 -3.54
N TYR A 159 -1.21 11.66 -4.79
CA TYR A 159 0.01 11.19 -5.48
C TYR A 159 1.06 12.30 -5.52
N VAL A 160 0.63 13.53 -5.80
CA VAL A 160 1.58 14.67 -5.94
C VAL A 160 2.13 15.04 -4.54
N GLY A 161 1.30 14.91 -3.51
CA GLY A 161 1.74 15.23 -2.14
C GLY A 161 2.92 14.37 -1.71
N PHE A 162 3.01 13.15 -2.24
CA PHE A 162 4.11 12.23 -1.83
C PHE A 162 5.46 12.83 -2.21
N TYR A 163 5.61 13.32 -3.44
CA TYR A 163 6.95 13.81 -3.87
C TYR A 163 7.08 15.32 -3.64
N TYR A 164 5.96 16.02 -3.45
CA TYR A 164 6.03 17.46 -3.08
C TYR A 164 6.70 17.60 -1.71
N ASN A 165 6.34 16.71 -0.79
CA ASN A 165 6.90 16.71 0.59
C ASN A 165 8.41 16.42 0.54
N VAL A 166 8.84 15.61 -0.42
CA VAL A 166 10.29 15.26 -0.57
C VAL A 166 11.05 16.50 -1.06
N ILE A 167 10.43 17.35 -1.88
CA ILE A 167 11.08 18.60 -2.35
C ILE A 167 11.22 19.54 -1.13
N ILE A 168 10.21 19.58 -0.26
CA ILE A 168 10.28 20.41 0.97
C ILE A 168 11.40 19.87 1.87
N ALA A 169 11.53 18.55 1.98
CA ALA A 169 12.59 17.93 2.79
C ALA A 169 13.98 18.33 2.25
N TRP A 170 14.13 18.41 0.93
CA TRP A 170 15.42 18.86 0.34
C TRP A 170 15.69 20.30 0.73
N SER A 171 14.66 21.16 0.70
CA SER A 171 14.81 22.58 1.07
C SER A 171 15.18 22.67 2.55
N LEU A 172 14.60 21.82 3.39
CA LEU A 172 14.91 21.81 4.84
C LEU A 172 16.36 21.39 5.06
N TYR A 173 16.81 20.37 4.31
CA TYR A 173 18.22 19.91 4.41
C TYR A 173 19.15 21.03 3.94
N TYR A 174 18.78 21.70 2.85
CA TYR A 174 19.63 22.78 2.29
C TYR A 174 19.65 23.96 3.26
N LEU A 175 18.53 24.23 3.92
CA LEU A 175 18.47 25.32 4.93
C LEU A 175 19.44 24.98 6.08
N PHE A 176 19.34 23.77 6.62
CA PHE A 176 20.21 23.36 7.75
C PHE A 176 21.67 23.44 7.33
N SER A 177 21.95 23.13 6.06
CA SER A 177 23.36 23.15 5.56
C SER A 177 23.80 24.57 5.24
N SER A 178 22.85 25.52 5.18
CA SER A 178 23.18 26.92 4.79
C SER A 178 23.72 27.70 5.99
N PHE A 179 23.58 27.18 7.20
CA PHE A 179 24.02 27.93 8.41
C PHE A 179 25.51 27.70 8.64
N THR A 180 26.32 28.01 7.63
CA THR A 180 27.79 27.88 7.76
C THR A 180 28.42 29.05 7.03
N LEU A 181 29.55 29.55 7.54
CA LEU A 181 30.27 30.64 6.81
C LEU A 181 30.66 30.09 5.43
N ASN A 182 31.07 28.82 5.36
CA ASN A 182 31.40 28.18 4.06
C ASN A 182 30.23 27.28 3.64
N LEU A 183 29.58 27.62 2.52
CA LEU A 183 28.40 26.84 2.06
C LEU A 183 28.86 25.48 1.51
N PRO A 184 28.09 24.37 1.66
CA PRO A 184 28.56 23.05 1.25
C PRO A 184 28.61 22.83 -0.26
N TRP A 185 27.97 23.70 -1.04
CA TRP A 185 27.87 23.51 -2.50
C TRP A 185 28.84 24.42 -3.25
N THR A 186 29.88 24.92 -2.58
CA THR A 186 30.76 25.90 -3.23
C THR A 186 32.08 25.26 -3.60
N ASP A 187 32.50 24.22 -2.89
CA ASP A 187 33.85 23.65 -3.16
C ASP A 187 33.79 22.12 -3.29
N CYS A 188 34.84 21.48 -3.82
CA CYS A 188 34.87 20.01 -3.88
C CYS A 188 35.87 19.30 -2.94
N GLY A 189 35.99 19.76 -1.70
CA GLY A 189 36.90 19.11 -0.77
C GLY A 189 36.21 18.24 0.25
N HIS A 190 34.89 18.14 0.16
CA HIS A 190 34.12 17.39 1.13
C HIS A 190 34.10 15.88 0.93
N THR A 191 33.61 15.16 1.93
CA THR A 191 33.56 13.69 1.86
C THR A 191 32.67 13.16 0.75
N TRP A 192 31.52 13.79 0.53
CA TRP A 192 30.62 13.37 -0.53
C TRP A 192 31.21 13.52 -1.91
N ASN A 193 32.00 14.57 -2.13
CA ASN A 193 32.51 14.84 -3.47
C ASN A 193 33.37 13.73 -4.05
N SER A 194 33.17 13.42 -5.32
CA SER A 194 33.92 12.36 -5.99
C SER A 194 35.24 12.89 -6.58
N PRO A 195 36.14 11.99 -7.07
CA PRO A 195 37.35 12.60 -7.63
C PRO A 195 36.96 13.49 -8.78
N ASN A 196 35.96 13.07 -9.56
CA ASN A 196 35.46 13.91 -10.64
C ASN A 196 34.54 15.00 -10.10
N CYS A 197 35.10 16.09 -9.58
CA CYS A 197 34.28 17.24 -9.13
C CYS A 197 35.12 18.51 -9.37
N THR A 198 34.98 19.12 -10.54
CA THR A 198 35.83 20.29 -10.89
C THR A 198 35.24 21.55 -10.29
N ASP A 199 36.07 22.35 -9.61
CA ASP A 199 35.59 23.65 -9.07
C ASP A 199 35.48 24.64 -10.24
N PRO A 200 34.34 25.35 -10.43
CA PRO A 200 34.19 26.22 -11.59
C PRO A 200 35.41 27.10 -11.73
N LYS A 201 36.08 27.05 -12.88
CA LYS A 201 37.23 27.96 -13.13
C LYS A 201 38.12 27.96 -11.88
N LEU A 202 38.29 26.80 -11.25
CA LEU A 202 39.17 26.69 -10.06
C LEU A 202 38.80 27.80 -9.07
N LEU A 203 37.49 28.01 -8.85
CA LEU A 203 37.04 29.04 -7.88
C LEU A 203 37.72 28.78 -6.52
N ASN A 204 37.43 27.63 -5.92
CA ASN A 204 38.02 27.31 -4.58
C ASN A 204 39.28 26.47 -4.76
N GLY A 205 39.21 25.38 -5.53
CA GLY A 205 40.37 24.51 -5.74
C GLY A 205 40.95 24.66 -7.13
N SER A 206 42.25 24.97 -7.22
CA SER A 206 42.91 25.18 -8.54
C SER A 206 43.74 23.94 -8.93
N VAL A 207 43.13 22.96 -9.61
CA VAL A 207 43.85 21.74 -10.05
C VAL A 207 43.38 21.35 -11.47
N LEU A 208 44.30 20.93 -12.35
CA LEU A 208 43.93 20.48 -13.72
C LEU A 208 43.21 21.61 -14.47
N GLY A 209 42.27 21.25 -15.35
CA GLY A 209 41.52 22.27 -16.12
C GLY A 209 40.29 21.68 -16.77
N ASN A 210 39.54 22.47 -17.54
CA ASN A 210 38.35 21.96 -18.26
C ASN A 210 38.77 21.57 -19.68
N HIS A 211 39.00 20.28 -19.92
CA HIS A 211 39.47 19.81 -21.26
C HIS A 211 38.48 18.79 -21.81
N THR A 212 37.39 18.55 -21.07
CA THR A 212 36.36 17.57 -21.51
C THR A 212 35.00 18.03 -21.01
N LYS A 213 33.95 17.82 -21.81
CA LYS A 213 32.58 18.22 -21.41
C LYS A 213 31.74 16.95 -21.20
N TYR A 214 30.54 17.10 -20.63
CA TYR A 214 29.68 15.91 -20.34
C TYR A 214 28.22 16.24 -20.71
N SER A 215 27.51 15.23 -21.24
CA SER A 215 26.06 15.34 -21.50
C SER A 215 25.39 16.14 -20.37
N LYS A 216 25.55 15.71 -19.12
CA LYS A 216 25.04 16.49 -17.97
C LYS A 216 26.23 16.74 -17.05
N TYR A 217 26.53 18.01 -16.74
CA TYR A 217 27.74 18.29 -15.93
C TYR A 217 27.38 18.08 -14.47
N LYS A 218 27.55 16.86 -13.97
CA LYS A 218 27.22 16.53 -12.56
C LYS A 218 28.51 16.57 -11.73
N PHE A 219 29.60 17.05 -12.33
CA PHE A 219 30.91 17.10 -11.63
C PHE A 219 31.14 18.51 -11.11
N THR A 220 30.05 19.23 -10.80
CA THR A 220 30.18 20.58 -10.22
C THR A 220 29.90 20.48 -8.74
N PRO A 221 30.55 21.29 -7.88
CA PRO A 221 30.29 21.26 -6.45
C PRO A 221 28.81 21.26 -6.09
N ALA A 222 28.02 22.14 -6.72
CA ALA A 222 26.57 22.23 -6.40
C ALA A 222 25.85 20.96 -6.83
N ALA A 223 26.22 20.41 -7.99
CA ALA A 223 25.58 19.18 -8.50
C ALA A 223 25.98 18.00 -7.62
N GLU A 224 27.26 17.88 -7.29
CA GLU A 224 27.71 16.81 -6.44
C GLU A 224 27.10 16.90 -5.06
N PHE A 225 26.94 18.10 -4.53
CA PHE A 225 26.28 18.23 -3.25
C PHE A 225 24.84 17.75 -3.30
N TYR A 226 24.11 18.11 -4.34
CA TYR A 226 22.75 17.62 -4.45
C TYR A 226 22.67 16.12 -4.66
N GLU A 227 23.43 15.59 -5.60
CA GLU A 227 23.37 14.17 -5.91
C GLU A 227 23.98 13.25 -4.87
N ARG A 228 25.14 13.60 -4.36
CA ARG A 228 25.84 12.73 -3.42
C ARG A 228 25.67 13.18 -1.98
N GLY A 229 25.78 14.48 -1.74
CA GLY A 229 25.59 15.02 -0.40
C GLY A 229 24.21 14.89 0.18
N VAL A 230 23.20 15.09 -0.64
CA VAL A 230 21.83 15.06 -0.15
C VAL A 230 21.11 13.78 -0.54
N LEU A 231 21.03 13.49 -1.83
CA LEU A 231 20.21 12.33 -2.29
C LEU A 231 20.99 11.02 -2.11
N HIS A 232 22.32 11.07 -2.18
CA HIS A 232 23.13 9.82 -2.13
C HIS A 232 22.68 8.93 -3.29
N LEU A 233 22.44 9.56 -4.45
CA LEU A 233 21.97 8.81 -5.65
C LEU A 233 23.09 7.91 -6.16
N HIS A 234 24.34 8.24 -5.82
CA HIS A 234 25.50 7.43 -6.25
C HIS A 234 25.39 6.02 -5.67
N GLU A 235 24.51 5.84 -4.67
CA GLU A 235 24.36 4.53 -4.00
C GLU A 235 23.19 3.75 -4.64
N SER A 236 22.52 4.33 -5.63
CA SER A 236 21.43 3.62 -6.35
C SER A 236 21.79 3.49 -7.83
N SER A 237 21.54 2.32 -8.42
CA SER A 237 21.87 2.09 -9.85
C SER A 237 20.63 2.37 -10.73
N GLY A 238 19.45 2.40 -10.12
CA GLY A 238 18.22 2.70 -10.88
C GLY A 238 16.98 2.53 -10.05
N ILE A 239 15.81 2.56 -10.67
CA ILE A 239 14.52 2.37 -9.95
C ILE A 239 14.43 0.91 -9.48
N HIS A 240 15.28 0.03 -10.03
CA HIS A 240 15.33 -1.39 -9.59
C HIS A 240 16.07 -1.47 -8.25
N ASP A 241 17.10 -0.63 -8.07
CA ASP A 241 17.91 -0.66 -6.81
C ASP A 241 17.77 0.69 -6.11
N ILE A 242 16.59 0.98 -5.56
CA ILE A 242 16.36 2.30 -4.91
C ILE A 242 17.21 2.37 -3.61
N GLY A 243 17.27 1.27 -2.86
CA GLY A 243 18.09 1.23 -1.63
C GLY A 243 17.24 1.51 -0.39
N LEU A 244 17.86 2.01 0.68
CA LEU A 244 17.14 2.31 1.93
C LEU A 244 16.87 3.81 2.05
N PRO A 245 15.75 4.25 2.67
CA PRO A 245 15.51 5.67 2.87
C PRO A 245 16.67 6.35 3.57
N GLN A 246 17.15 7.47 3.01
CA GLN A 246 18.26 8.23 3.63
C GLN A 246 17.77 8.76 4.99
N TRP A 247 18.53 8.55 6.07
CA TRP A 247 18.06 8.93 7.42
C TRP A 247 17.97 10.45 7.57
N GLN A 248 18.93 11.20 7.01
CA GLN A 248 18.93 12.67 7.16
C GLN A 248 17.67 13.23 6.48
N LEU A 249 17.30 12.68 5.31
CA LEU A 249 16.08 13.12 4.59
C LEU A 249 14.84 12.57 5.31
N LEU A 250 14.99 11.42 6.00
CA LEU A 250 13.87 10.85 6.78
C LEU A 250 13.53 11.81 7.94
N LEU A 251 14.56 12.35 8.59
CA LEU A 251 14.34 13.33 9.69
C LEU A 251 13.67 14.58 9.11
N CYS A 252 14.16 15.07 7.98
CA CYS A 252 13.57 16.27 7.33
C CYS A 252 12.12 15.98 6.93
N LEU A 253 11.86 14.80 6.37
CA LEU A 253 10.49 14.43 5.94
C LEU A 253 9.56 14.42 7.16
N MET A 254 10.04 13.89 8.28
CA MET A 254 9.21 13.81 9.51
C MET A 254 8.87 15.22 10.01
N VAL A 255 9.85 16.12 10.03
CA VAL A 255 9.56 17.54 10.44
C VAL A 255 8.50 18.11 9.50
N VAL A 256 8.66 17.88 8.19
CA VAL A 256 7.70 18.42 7.18
C VAL A 256 6.29 17.90 7.48
N VAL A 257 6.13 16.60 7.69
CA VAL A 257 4.77 16.02 7.90
C VAL A 257 4.22 16.48 9.26
N ILE A 258 5.08 16.70 10.25
CA ILE A 258 4.62 17.22 11.58
C ILE A 258 4.11 18.66 11.40
N VAL A 259 4.86 19.49 10.68
CA VAL A 259 4.43 20.90 10.44
C VAL A 259 3.11 20.87 9.64
N LEU A 260 3.05 20.02 8.62
CA LEU A 260 1.81 19.91 7.80
C LEU A 260 0.64 19.47 8.68
N TYR A 261 0.86 18.51 9.57
CA TYR A 261 -0.23 18.02 10.46
C TYR A 261 -0.76 19.16 11.31
N PHE A 262 0.13 19.89 11.99
CA PHE A 262 -0.33 20.94 12.94
C PHE A 262 -0.78 22.19 12.20
N SER A 263 -0.67 22.18 10.86
CA SER A 263 -1.16 23.33 10.06
C SER A 263 -2.52 22.97 9.44
N LEU A 264 -2.98 21.73 9.64
CA LEU A 264 -4.25 21.27 9.02
C LEU A 264 -5.17 20.65 10.07
N TRP A 265 -4.63 20.13 11.17
CA TRP A 265 -5.46 19.40 12.16
C TRP A 265 -6.61 20.24 12.72
N LYS A 266 -6.45 21.56 12.83
CA LYS A 266 -7.50 22.38 13.50
C LYS A 266 -8.33 23.17 12.48
N GLY A 267 -8.26 22.83 11.19
CA GLY A 267 -9.13 23.51 10.22
C GLY A 267 -8.40 23.90 8.95
N VAL A 268 -9.01 24.76 8.13
CA VAL A 268 -8.41 25.15 6.82
C VAL A 268 -7.62 26.45 6.97
N LYS A 269 -8.22 27.48 7.57
CA LYS A 269 -7.54 28.80 7.71
C LYS A 269 -6.68 28.79 8.98
N THR A 270 -6.55 27.63 9.61
CA THR A 270 -5.73 27.51 10.84
C THR A 270 -4.36 28.09 10.56
N SER A 271 -3.81 27.85 9.36
CA SER A 271 -2.45 28.33 9.04
C SER A 271 -2.52 29.55 8.11
N GLY A 272 -2.02 30.70 8.56
CA GLY A 272 -2.02 31.92 7.73
C GLY A 272 -0.62 32.52 7.63
N LYS A 273 0.21 32.28 8.64
CA LYS A 273 1.58 32.85 8.65
C LYS A 273 2.35 32.43 7.38
N VAL A 274 2.30 31.15 7.03
CA VAL A 274 3.05 30.65 5.83
C VAL A 274 2.50 31.38 4.59
N VAL A 275 1.18 31.53 4.50
CA VAL A 275 0.55 32.22 3.34
C VAL A 275 1.12 33.65 3.24
N TRP A 276 1.21 34.36 4.37
CA TRP A 276 1.75 35.75 4.37
C TRP A 276 3.20 35.76 3.90
N ILE A 277 4.02 34.85 4.43
CA ILE A 277 5.46 34.79 4.05
C ILE A 277 5.55 34.48 2.55
N THR A 278 4.70 33.56 2.06
CA THR A 278 4.76 33.16 0.63
C THR A 278 3.90 34.09 -0.20
N ALA A 279 3.92 35.38 0.12
CA ALA A 279 3.17 36.37 -0.69
C ALA A 279 4.13 37.42 -1.23
N THR A 280 5.19 37.72 -0.48
CA THR A 280 6.14 38.77 -0.90
C THR A 280 7.53 38.20 -0.98
N LEU A 281 7.89 37.33 -0.03
CA LEU A 281 9.26 36.75 0.01
C LEU A 281 9.60 36.14 -1.37
N PRO A 282 8.76 35.27 -1.97
CA PRO A 282 9.12 34.66 -3.25
C PRO A 282 9.45 35.71 -4.30
N TYR A 283 8.61 36.74 -4.43
CA TYR A 283 8.83 37.79 -5.46
C TYR A 283 10.13 38.51 -5.15
N PHE A 284 10.34 38.90 -3.90
CA PHE A 284 11.57 39.63 -3.51
C PHE A 284 12.81 38.82 -3.94
N VAL A 285 12.83 37.52 -3.60
CA VAL A 285 14.04 36.68 -3.89
C VAL A 285 14.21 36.58 -5.41
N LEU A 286 13.12 36.29 -6.13
CA LEU A 286 13.18 36.20 -7.61
C LEU A 286 13.77 37.51 -8.16
N PHE A 287 13.35 38.65 -7.61
CA PHE A 287 13.85 39.97 -8.08
C PHE A 287 15.35 40.06 -7.82
N VAL A 288 15.78 39.71 -6.61
CA VAL A 288 17.23 39.78 -6.26
C VAL A 288 18.00 38.87 -7.22
N LEU A 289 17.51 37.64 -7.42
CA LEU A 289 18.20 36.68 -8.32
C LEU A 289 18.21 37.25 -9.74
N LEU A 290 17.08 37.79 -10.20
CA LEU A 290 16.98 38.34 -11.58
C LEU A 290 17.98 39.50 -11.74
N VAL A 291 17.98 40.45 -10.80
CA VAL A 291 18.87 41.65 -10.92
C VAL A 291 20.34 41.19 -10.88
N HIS A 292 20.68 40.30 -9.95
CA HIS A 292 22.09 39.82 -9.83
C HIS A 292 22.42 38.96 -11.04
N GLY A 293 21.51 38.06 -11.41
CA GLY A 293 21.78 37.14 -12.53
C GLY A 293 22.12 37.88 -13.80
N VAL A 294 21.34 38.91 -14.16
CA VAL A 294 21.57 39.61 -15.46
C VAL A 294 22.98 40.22 -15.46
N THR A 295 23.58 40.43 -14.29
CA THR A 295 24.90 41.10 -14.23
C THR A 295 26.00 40.05 -14.18
N LEU A 296 25.64 38.76 -14.17
CA LEU A 296 26.65 37.67 -14.08
C LEU A 296 27.44 37.60 -15.39
N PRO A 297 28.72 37.17 -15.38
CA PRO A 297 29.55 37.18 -16.58
C PRO A 297 28.97 36.65 -17.89
N GLY A 298 28.28 35.50 -17.88
CA GLY A 298 27.79 34.93 -19.14
C GLY A 298 26.27 34.89 -19.21
N ALA A 299 25.59 35.70 -18.42
CA ALA A 299 24.11 35.69 -18.36
C ALA A 299 23.51 36.02 -19.72
N SER A 300 24.16 36.92 -20.49
CA SER A 300 23.63 37.35 -21.80
C SER A 300 23.35 36.15 -22.70
N ASN A 301 24.28 35.19 -22.76
CA ASN A 301 24.11 34.04 -23.61
C ASN A 301 22.87 33.28 -23.21
N GLY A 302 22.63 33.17 -21.91
CA GLY A 302 21.41 32.54 -21.43
C GLY A 302 20.17 33.29 -21.81
N ILE A 303 20.23 34.62 -21.74
CA ILE A 303 19.10 35.44 -22.12
C ILE A 303 18.79 35.24 -23.60
N ASN A 304 19.82 35.15 -24.42
CA ASN A 304 19.63 34.93 -25.85
C ASN A 304 18.95 33.60 -26.10
N ALA A 305 19.35 32.56 -25.38
CA ALA A 305 18.73 31.26 -25.52
C ALA A 305 17.26 31.30 -25.12
N TYR A 306 16.95 32.00 -24.04
CA TYR A 306 15.57 32.10 -23.58
C TYR A 306 14.72 32.82 -24.62
N LEU A 307 15.23 33.90 -25.18
CA LEU A 307 14.51 34.65 -26.20
C LEU A 307 14.31 33.89 -27.52
N HIS A 308 15.32 33.15 -27.95
CA HIS A 308 15.24 32.41 -29.22
C HIS A 308 14.17 31.34 -29.18
N ILE A 309 13.45 31.17 -30.29
CA ILE A 309 12.39 30.16 -30.35
C ILE A 309 12.78 29.04 -31.29
N ASP A 310 12.71 27.80 -30.80
CA ASP A 310 13.02 26.67 -31.65
C ASP A 310 11.72 26.19 -32.25
N PHE A 311 11.51 26.51 -33.52
CA PHE A 311 10.28 26.12 -34.20
C PHE A 311 10.12 24.62 -34.37
N TYR A 312 11.23 23.93 -34.57
CA TYR A 312 11.19 22.48 -34.72
C TYR A 312 10.63 21.85 -33.46
N ARG A 313 10.98 22.38 -32.30
CA ARG A 313 10.44 21.86 -31.04
C ARG A 313 8.93 22.04 -30.99
N LEU A 314 8.43 23.14 -31.53
CA LEU A 314 6.97 23.36 -31.58
C LEU A 314 6.29 22.28 -32.40
N LYS A 315 6.93 21.82 -33.48
CA LYS A 315 6.36 20.74 -34.27
C LYS A 315 6.24 19.48 -33.42
N GLU A 316 7.23 19.25 -32.56
CA GLU A 316 7.17 18.10 -31.66
C GLU A 316 6.08 18.28 -30.61
N ALA A 317 5.53 17.19 -30.11
CA ALA A 317 4.41 17.25 -29.19
C ALA A 317 4.73 17.34 -27.71
N THR A 318 5.94 16.99 -27.33
CA THR A 318 6.39 16.99 -25.91
C THR A 318 6.19 18.35 -25.28
N VAL A 319 6.62 19.41 -25.98
CA VAL A 319 6.53 20.78 -25.39
C VAL A 319 5.06 21.07 -25.05
N TRP A 320 4.14 20.68 -25.94
CA TRP A 320 2.70 20.97 -25.74
C TRP A 320 2.17 20.22 -24.51
N ILE A 321 2.50 18.93 -24.39
CA ILE A 321 2.05 18.14 -23.21
C ILE A 321 2.66 18.75 -21.95
N ASP A 322 3.95 19.06 -21.98
CA ASP A 322 4.65 19.64 -20.79
C ASP A 322 4.01 20.98 -20.42
N ALA A 323 3.75 21.83 -21.41
CA ALA A 323 3.16 23.16 -21.16
C ALA A 323 1.77 23.01 -20.53
N ALA A 324 0.95 22.10 -21.08
CA ALA A 324 -0.43 21.94 -20.58
C ALA A 324 -0.44 21.47 -19.12
N THR A 325 0.35 20.45 -18.81
CA THR A 325 0.37 19.91 -17.42
C THR A 325 0.92 20.97 -16.49
N GLN A 326 1.93 21.72 -16.92
CA GLN A 326 2.53 22.79 -16.07
C GLN A 326 1.46 23.84 -15.78
N ILE A 327 0.62 24.16 -16.77
CA ILE A 327 -0.47 25.17 -16.59
C ILE A 327 -1.35 24.72 -15.42
N PHE A 328 -1.76 23.45 -15.40
CA PHE A 328 -2.68 22.95 -14.34
C PHE A 328 -1.92 22.81 -13.02
N PHE A 329 -0.62 22.53 -13.08
CA PHE A 329 0.22 22.49 -11.84
C PHE A 329 0.39 23.90 -11.34
N SER A 330 0.77 24.82 -12.23
CA SER A 330 1.04 26.22 -11.82
C SER A 330 -0.25 26.91 -11.33
N LEU A 331 -1.41 26.53 -11.88
CA LEU A 331 -2.69 27.21 -11.53
C LEU A 331 -3.42 26.42 -10.43
N GLY A 332 -3.22 25.10 -10.36
CA GLY A 332 -3.85 24.29 -9.31
C GLY A 332 -5.13 23.63 -9.78
N ALA A 333 -5.45 23.78 -11.07
CA ALA A 333 -6.68 23.16 -11.64
C ALA A 333 -6.44 21.68 -11.88
N GLY A 334 -7.36 20.82 -11.41
CA GLY A 334 -7.24 19.37 -11.67
C GLY A 334 -6.67 18.63 -10.49
N PHE A 335 -6.52 19.29 -9.34
CA PHE A 335 -6.04 18.60 -8.11
C PHE A 335 -7.14 18.70 -7.07
N GLY A 336 -8.20 19.45 -7.37
CA GLY A 336 -9.31 19.62 -6.41
C GLY A 336 -9.05 20.77 -5.47
N VAL A 337 -7.89 21.42 -5.60
CA VAL A 337 -7.49 22.52 -4.67
C VAL A 337 -8.38 23.75 -4.93
N LEU A 338 -8.52 24.17 -6.19
CA LEU A 338 -9.29 25.40 -6.51
C LEU A 338 -10.74 25.27 -6.03
N ILE A 339 -11.37 24.13 -6.29
CA ILE A 339 -12.81 23.94 -5.92
C ILE A 339 -12.92 23.93 -4.39
N ALA A 340 -12.07 23.16 -3.71
CA ALA A 340 -12.10 23.09 -2.24
C ALA A 340 -11.85 24.48 -1.65
N PHE A 341 -10.87 25.20 -2.19
CA PHE A 341 -10.53 26.55 -1.68
C PHE A 341 -11.72 27.48 -1.90
N ALA A 342 -12.32 27.42 -3.09
CA ALA A 342 -13.44 28.33 -3.43
C ALA A 342 -14.70 27.94 -2.66
N SER A 343 -14.73 26.73 -2.10
CA SER A 343 -15.90 26.30 -1.29
C SER A 343 -16.01 27.19 -0.04
N TYR A 344 -14.91 27.86 0.33
CA TYR A 344 -14.91 28.75 1.52
C TYR A 344 -14.84 30.21 1.09
N ASN A 345 -15.03 30.50 -0.20
CA ASN A 345 -15.05 31.92 -0.65
C ASN A 345 -16.46 32.45 -0.40
N LYS A 346 -16.65 33.77 -0.35
CA LYS A 346 -18.02 34.32 -0.24
C LYS A 346 -18.73 34.12 -1.58
N PHE A 347 -20.06 33.99 -1.57
CA PHE A 347 -20.82 33.71 -2.83
C PHE A 347 -20.62 34.84 -3.84
N ASP A 348 -20.34 36.06 -3.36
CA ASP A 348 -20.23 37.23 -4.28
C ASP A 348 -18.79 37.39 -4.80
N ASN A 349 -17.85 36.56 -4.34
CA ASN A 349 -16.43 36.73 -4.75
C ASN A 349 -16.34 36.73 -6.28
N ASN A 350 -15.53 37.62 -6.84
CA ASN A 350 -15.38 37.72 -8.28
C ASN A 350 -14.33 36.73 -8.77
N CYS A 351 -14.78 35.56 -9.21
CA CYS A 351 -13.87 34.55 -9.75
C CYS A 351 -13.18 35.07 -11.01
N TYR A 352 -13.89 35.83 -11.81
CA TYR A 352 -13.34 36.35 -13.06
C TYR A 352 -12.15 37.25 -12.80
N ARG A 353 -12.25 38.13 -11.82
CA ARG A 353 -11.12 38.98 -11.48
C ARG A 353 -9.98 38.13 -10.96
N ASP A 354 -10.29 37.16 -10.11
CA ASP A 354 -9.25 36.29 -9.56
C ASP A 354 -8.60 35.45 -10.64
N ALA A 355 -9.39 34.91 -11.55
CA ALA A 355 -8.85 34.12 -12.68
C ALA A 355 -7.91 34.99 -13.51
N LEU A 356 -8.37 36.16 -13.94
CA LEU A 356 -7.54 37.05 -14.76
C LEU A 356 -6.26 37.42 -13.99
N LEU A 357 -6.41 37.85 -12.73
CA LEU A 357 -5.23 38.31 -11.96
C LEU A 357 -4.25 37.15 -11.76
N THR A 358 -4.71 36.02 -11.23
CA THR A 358 -3.80 34.90 -10.93
C THR A 358 -3.12 34.48 -12.20
N SER A 359 -3.88 34.33 -13.29
CA SER A 359 -3.31 33.84 -14.58
C SER A 359 -2.29 34.85 -15.11
N SER A 360 -2.61 36.14 -15.03
CA SER A 360 -1.69 37.19 -15.54
C SER A 360 -0.37 37.15 -14.74
N ILE A 361 -0.45 37.09 -13.41
CA ILE A 361 0.77 37.07 -12.56
C ILE A 361 1.53 35.76 -12.83
N ASN A 362 0.81 34.63 -12.92
CA ASN A 362 1.45 33.32 -13.18
C ASN A 362 2.25 33.40 -14.48
N CYS A 363 1.69 34.05 -15.50
CA CYS A 363 2.40 34.19 -16.81
C CYS A 363 3.66 35.05 -16.60
N ILE A 364 3.56 36.13 -15.83
CA ILE A 364 4.73 37.03 -15.60
C ILE A 364 5.75 36.30 -14.72
N THR A 365 5.30 35.69 -13.63
CA THR A 365 6.21 34.99 -12.70
C THR A 365 6.95 33.92 -13.47
N SER A 366 6.23 33.15 -14.29
CA SER A 366 6.86 32.06 -15.07
C SER A 366 7.92 32.65 -16.01
N PHE A 367 7.56 33.72 -16.72
CA PHE A 367 8.50 34.35 -17.69
C PHE A 367 9.75 34.83 -16.95
N VAL A 368 9.57 35.57 -15.85
CA VAL A 368 10.75 36.15 -15.13
C VAL A 368 11.53 35.00 -14.47
N SER A 369 10.82 33.95 -14.02
CA SER A 369 11.51 32.77 -13.44
C SER A 369 12.48 32.19 -14.49
N GLY A 370 12.00 32.00 -15.72
CA GLY A 370 12.85 31.43 -16.78
C GLY A 370 13.99 32.37 -17.12
N PHE A 371 13.74 33.67 -17.08
CA PHE A 371 14.79 34.67 -17.40
C PHE A 371 15.91 34.56 -16.38
N ALA A 372 15.55 34.52 -15.10
CA ALA A 372 16.56 34.35 -14.03
C ALA A 372 17.29 33.02 -14.19
N ILE A 373 16.53 31.93 -14.38
CA ILE A 373 17.13 30.57 -14.50
C ILE A 373 18.11 30.54 -15.68
N PHE A 374 17.71 31.09 -16.83
CA PHE A 374 18.55 31.04 -18.05
C PHE A 374 19.76 31.96 -17.87
N SER A 375 19.61 33.05 -17.13
CA SER A 375 20.77 33.94 -16.83
C SER A 375 21.78 33.17 -15.98
N ILE A 376 21.31 32.42 -14.97
CA ILE A 376 22.21 31.58 -14.14
C ILE A 376 22.78 30.45 -15.01
N LEU A 377 21.95 29.83 -15.85
CA LEU A 377 22.42 28.77 -16.77
C LEU A 377 23.51 29.36 -17.68
N GLY A 378 23.34 30.59 -18.14
CA GLY A 378 24.34 31.23 -19.01
C GLY A 378 25.64 31.43 -18.27
N TYR A 379 25.58 31.94 -17.05
CA TYR A 379 26.80 32.13 -16.21
C TYR A 379 27.45 30.79 -15.93
N MET A 380 26.63 29.80 -15.54
CA MET A 380 27.17 28.46 -15.20
C MET A 380 27.89 27.88 -16.42
N ALA A 381 27.28 28.00 -17.60
CA ALA A 381 27.90 27.50 -18.84
C ALA A 381 29.24 28.22 -19.08
N HIS A 382 29.27 29.52 -18.77
CA HIS A 382 30.52 30.31 -18.94
C HIS A 382 31.57 29.84 -17.92
N GLU A 383 31.17 29.74 -16.64
CA GLU A 383 32.11 29.33 -15.57
C GLU A 383 32.56 27.89 -15.76
N HIS A 384 31.66 27.00 -16.20
CA HIS A 384 32.00 25.56 -16.33
C HIS A 384 32.56 25.26 -17.72
N LYS A 385 32.61 26.26 -18.59
CA LYS A 385 33.12 26.08 -19.97
C LYS A 385 32.34 24.94 -20.66
N VAL A 386 31.03 24.89 -20.43
CA VAL A 386 30.16 23.86 -21.07
C VAL A 386 29.07 24.61 -21.87
N ASN A 387 28.29 23.91 -22.70
CA ASN A 387 27.16 24.56 -23.42
C ASN A 387 25.95 24.63 -22.48
N ILE A 388 25.11 25.65 -22.62
CA ILE A 388 23.96 25.84 -21.69
C ILE A 388 23.12 24.55 -21.67
N GLU A 389 22.98 23.87 -22.81
CA GLU A 389 22.11 22.67 -22.89
C GLU A 389 22.70 21.53 -22.04
N ASP A 390 24.03 21.52 -21.88
CA ASP A 390 24.69 20.39 -21.16
C ASP A 390 25.21 20.85 -19.78
N VAL A 391 24.97 22.10 -19.38
CA VAL A 391 25.58 22.61 -18.11
C VAL A 391 24.83 22.07 -16.90
N ALA A 392 23.53 21.79 -17.01
CA ALA A 392 22.77 21.39 -15.80
C ALA A 392 21.80 20.23 -16.09
N THR A 393 21.20 19.68 -15.04
CA THR A 393 20.22 18.60 -15.21
C THR A 393 18.89 19.18 -15.66
N GLU A 394 18.04 18.35 -16.27
CA GLU A 394 16.69 18.81 -16.67
C GLU A 394 15.64 18.11 -15.80
N GLY A 395 16.03 17.73 -14.57
CA GLY A 395 15.12 17.02 -13.66
C GLY A 395 14.58 17.90 -12.56
N ALA A 396 14.03 17.30 -11.50
CA ALA A 396 13.38 18.08 -10.41
C ALA A 396 14.40 18.72 -9.46
N GLY A 397 15.69 18.56 -9.72
CA GLY A 397 16.72 19.11 -8.80
C GLY A 397 17.50 20.24 -9.43
N LEU A 398 16.96 20.88 -10.47
CA LEU A 398 17.69 21.96 -11.19
C LEU A 398 17.81 23.20 -10.27
N VAL A 399 16.75 23.54 -9.55
CA VAL A 399 16.75 24.76 -8.69
C VAL A 399 17.67 24.53 -7.48
N PHE A 400 17.93 23.28 -7.11
CA PHE A 400 18.81 22.94 -5.96
C PHE A 400 20.25 22.96 -6.43
N ILE A 401 20.47 23.34 -7.69
CA ILE A 401 21.85 23.48 -8.23
C ILE A 401 22.04 24.91 -8.72
N LEU A 402 21.09 25.43 -9.51
CA LEU A 402 21.22 26.78 -10.11
C LEU A 402 21.18 27.86 -9.02
N TYR A 403 20.16 27.85 -8.17
CA TYR A 403 20.01 28.89 -7.12
C TYR A 403 21.22 28.85 -6.18
N PRO A 404 21.62 27.69 -5.63
CA PRO A 404 22.84 27.63 -4.82
C PRO A 404 24.03 28.25 -5.55
N GLU A 405 24.20 27.94 -6.84
CA GLU A 405 25.31 28.52 -7.63
C GLU A 405 25.20 30.06 -7.65
N ALA A 406 23.99 30.60 -7.79
CA ALA A 406 23.79 32.07 -7.85
C ALA A 406 24.01 32.70 -6.47
N ILE A 407 23.44 32.09 -5.42
CA ILE A 407 23.60 32.61 -4.03
C ILE A 407 25.10 32.79 -3.74
N SER A 408 25.92 31.83 -4.18
CA SER A 408 27.38 31.89 -3.88
C SER A 408 27.97 33.21 -4.42
N THR A 409 27.54 33.66 -5.59
CA THR A 409 28.07 34.89 -6.20
C THR A 409 27.59 36.10 -5.41
N LEU A 410 26.38 36.03 -4.86
CA LEU A 410 25.83 37.13 -4.03
C LEU A 410 26.72 37.34 -2.80
N SER A 411 27.14 38.57 -2.53
CA SER A 411 27.91 38.84 -1.29
C SER A 411 27.02 38.54 -0.08
N GLY A 412 27.61 38.07 1.03
CA GLY A 412 26.76 37.64 2.16
C GLY A 412 25.94 36.45 1.73
N SER A 413 26.59 35.44 1.14
CA SER A 413 25.90 34.25 0.61
C SER A 413 25.14 33.50 1.72
N THR A 414 25.73 33.39 2.90
CA THR A 414 25.09 32.63 4.01
C THR A 414 23.72 33.20 4.26
N PHE A 415 23.60 34.53 4.35
CA PHE A 415 22.29 35.19 4.58
C PHE A 415 21.33 34.83 3.45
N TRP A 416 21.78 35.00 2.20
CA TRP A 416 20.87 34.74 1.04
C TRP A 416 20.48 33.27 0.97
N ALA A 417 21.42 32.38 1.31
CA ALA A 417 21.13 30.92 1.30
C ALA A 417 19.97 30.65 2.25
N VAL A 418 20.04 31.19 3.47
CA VAL A 418 18.97 30.97 4.49
C VAL A 418 17.67 31.57 3.97
N VAL A 419 17.70 32.83 3.54
CA VAL A 419 16.47 33.52 3.06
C VAL A 419 15.86 32.71 1.89
N PHE A 420 16.70 32.26 0.96
CA PHE A 420 16.17 31.55 -0.24
C PHE A 420 15.51 30.23 0.16
N PHE A 421 16.19 29.44 1.00
CA PHE A 421 15.64 28.09 1.35
C PHE A 421 14.46 28.27 2.32
N VAL A 422 14.42 29.38 3.06
CA VAL A 422 13.24 29.65 3.92
C VAL A 422 12.05 29.88 2.96
N MET A 423 12.28 30.63 1.88
CA MET A 423 11.21 30.88 0.88
C MET A 423 10.77 29.56 0.25
N LEU A 424 11.73 28.72 -0.18
CA LEU A 424 11.40 27.42 -0.80
C LEU A 424 10.60 26.57 0.21
N LEU A 425 11.07 26.50 1.46
CA LEU A 425 10.35 25.71 2.51
C LEU A 425 8.93 26.27 2.63
N ALA A 426 8.80 27.58 2.79
CA ALA A 426 7.47 28.21 2.96
C ALA A 426 6.59 27.89 1.74
N LEU A 427 7.10 28.18 0.53
CA LEU A 427 6.31 27.94 -0.71
C LEU A 427 5.85 26.48 -0.78
N GLY A 428 6.75 25.54 -0.51
CA GLY A 428 6.41 24.12 -0.55
C GLY A 428 5.33 23.78 0.46
N LEU A 429 5.40 24.36 1.66
CA LEU A 429 4.44 24.03 2.75
C LEU A 429 3.00 24.36 2.30
N ASP A 430 2.78 25.58 1.81
CA ASP A 430 1.43 25.98 1.33
C ASP A 430 1.01 25.05 0.19
N SER A 431 1.91 24.81 -0.76
CA SER A 431 1.61 23.90 -1.89
C SER A 431 1.11 22.55 -1.35
N SER A 432 1.84 21.96 -0.40
CA SER A 432 1.45 20.65 0.18
C SER A 432 0.16 20.81 1.00
N MET A 433 0.04 21.93 1.74
CA MET A 433 -1.17 22.18 2.55
C MET A 433 -2.40 22.20 1.64
N GLY A 434 -2.34 22.93 0.51
CA GLY A 434 -3.48 23.03 -0.41
C GLY A 434 -3.85 21.68 -0.98
N GLY A 435 -2.87 20.89 -1.39
CA GLY A 435 -3.13 19.55 -1.93
C GLY A 435 -3.78 18.65 -0.90
N MET A 436 -3.26 18.65 0.33
CA MET A 436 -3.80 17.79 1.41
C MET A 436 -5.20 18.30 1.80
N GLU A 437 -5.40 19.62 1.80
CA GLU A 437 -6.73 20.19 2.12
C GLU A 437 -7.73 19.67 1.07
N ALA A 438 -7.33 19.62 -0.20
CA ALA A 438 -8.23 19.10 -1.27
C ALA A 438 -8.63 17.66 -0.92
N VAL A 439 -7.66 16.82 -0.57
CA VAL A 439 -7.95 15.41 -0.18
C VAL A 439 -8.86 15.41 1.06
N ILE A 440 -8.50 16.17 2.10
CA ILE A 440 -9.28 16.15 3.37
C ILE A 440 -10.68 16.75 3.13
N THR A 441 -10.76 17.91 2.46
CA THR A 441 -12.06 18.58 2.22
C THR A 441 -12.89 17.71 1.31
N GLY A 442 -12.30 17.19 0.24
CA GLY A 442 -13.04 16.33 -0.70
C GLY A 442 -13.67 15.16 0.01
N LEU A 443 -12.90 14.44 0.82
CA LEU A 443 -13.41 13.23 1.52
C LEU A 443 -14.36 13.63 2.67
N ALA A 444 -14.09 14.73 3.37
CA ALA A 444 -14.94 15.14 4.52
C ALA A 444 -16.30 15.62 4.03
N ASP A 445 -16.33 16.29 2.87
CA ASP A 445 -17.64 16.73 2.28
C ASP A 445 -18.41 15.47 1.87
N ASP A 446 -17.70 14.46 1.35
CA ASP A 446 -18.35 13.18 0.95
C ASP A 446 -18.83 12.46 2.22
N PHE A 447 -17.96 12.31 3.22
CA PHE A 447 -18.31 11.61 4.48
C PHE A 447 -18.26 12.59 5.63
N GLN A 448 -19.43 13.03 6.11
CA GLN A 448 -19.51 14.04 7.20
C GLN A 448 -18.85 13.50 8.48
N VAL A 449 -18.72 12.18 8.61
CA VAL A 449 -18.03 11.59 9.79
C VAL A 449 -16.58 12.11 9.81
N LEU A 450 -15.94 12.21 8.65
CA LEU A 450 -14.53 12.67 8.57
C LEU A 450 -14.44 14.16 8.93
N LYS A 451 -15.56 14.88 8.85
CA LYS A 451 -15.59 16.32 9.23
C LYS A 451 -15.47 16.43 10.76
N ARG A 452 -16.00 15.46 11.48
CA ARG A 452 -15.99 15.52 12.97
C ARG A 452 -14.71 14.91 13.52
N HIS A 453 -13.91 14.27 12.67
CA HIS A 453 -12.71 13.61 13.15
C HIS A 453 -11.55 14.12 12.35
N ARG A 454 -11.44 15.42 12.23
CA ARG A 454 -10.38 16.00 11.43
C ARG A 454 -8.96 15.72 11.94
N LYS A 455 -8.73 15.81 13.24
CA LYS A 455 -7.38 15.60 13.77
C LYS A 455 -6.95 14.18 13.49
N LEU A 456 -7.87 13.24 13.63
CA LEU A 456 -7.58 11.81 13.35
C LEU A 456 -7.45 11.59 11.84
N PHE A 457 -8.36 12.16 11.04
CA PHE A 457 -8.32 12.00 9.57
C PHE A 457 -7.04 12.65 9.02
N THR A 458 -6.73 13.88 9.44
CA THR A 458 -5.49 14.55 9.00
C THR A 458 -4.33 13.63 9.24
N PHE A 459 -4.27 13.02 10.43
CA PHE A 459 -3.16 12.08 10.75
C PHE A 459 -3.07 11.02 9.65
N GLY A 460 -4.20 10.39 9.34
CA GLY A 460 -4.19 9.33 8.32
C GLY A 460 -3.64 9.83 7.00
N VAL A 461 -4.12 10.99 6.54
CA VAL A 461 -3.65 11.58 5.25
C VAL A 461 -2.14 11.87 5.36
N THR A 462 -1.71 12.58 6.40
CA THR A 462 -0.29 12.95 6.55
C THR A 462 0.57 11.71 6.70
N PHE A 463 0.12 10.75 7.52
CA PHE A 463 0.95 9.54 7.78
C PHE A 463 1.10 8.73 6.50
N SER A 464 0.00 8.53 5.78
CA SER A 464 0.04 7.76 4.50
C SER A 464 1.01 8.46 3.54
N THR A 465 0.92 9.79 3.45
CA THR A 465 1.81 10.55 2.55
C THR A 465 3.25 10.34 2.97
N PHE A 466 3.51 10.40 4.28
CA PHE A 466 4.89 10.21 4.80
C PHE A 466 5.42 8.83 4.41
N LEU A 467 4.61 7.79 4.59
CA LEU A 467 5.06 6.41 4.31
C LEU A 467 5.36 6.25 2.80
N LEU A 468 4.48 6.75 1.95
CA LEU A 468 4.67 6.63 0.48
C LEU A 468 5.75 7.62 0.02
N ALA A 469 5.98 8.69 0.78
CA ALA A 469 7.08 9.62 0.45
C ALA A 469 8.40 8.97 0.83
N LEU A 470 8.36 7.91 1.66
CA LEU A 470 9.60 7.19 2.05
C LEU A 470 10.26 6.56 0.82
N PHE A 471 9.49 6.34 -0.25
CA PHE A 471 10.04 5.75 -1.50
C PHE A 471 10.90 6.76 -2.23
N CYS A 472 10.61 8.05 -2.06
CA CYS A 472 11.35 9.11 -2.79
C CYS A 472 12.51 9.66 -1.94
N ILE A 473 12.58 9.29 -0.66
CA ILE A 473 13.72 9.74 0.20
C ILE A 473 14.77 8.62 0.21
N THR A 474 14.55 7.58 -0.60
CA THR A 474 15.49 6.46 -0.70
C THR A 474 16.66 6.91 -1.55
N LYS A 475 17.73 6.11 -1.60
CA LYS A 475 18.95 6.48 -2.39
C LYS A 475 18.58 6.61 -3.87
N GLY A 476 17.50 5.96 -4.32
CA GLY A 476 17.03 6.08 -5.71
C GLY A 476 15.64 6.69 -5.75
N GLY A 477 15.35 7.63 -4.85
CA GLY A 477 14.02 8.26 -4.79
C GLY A 477 13.82 9.28 -5.89
N ILE A 478 14.90 9.81 -6.47
CA ILE A 478 14.77 10.75 -7.62
C ILE A 478 14.14 10.00 -8.80
N TYR A 479 14.46 8.72 -8.97
CA TYR A 479 13.90 7.89 -10.06
C TYR A 479 12.41 7.70 -9.80
N VAL A 480 12.06 7.42 -8.55
CA VAL A 480 10.62 7.26 -8.18
C VAL A 480 9.92 8.61 -8.35
N LEU A 481 10.58 9.70 -8.01
CA LEU A 481 10.00 11.03 -8.12
C LEU A 481 9.83 11.43 -9.57
N THR A 482 10.81 11.08 -10.40
CA THR A 482 10.70 11.36 -11.85
C THR A 482 9.49 10.62 -12.38
N LEU A 483 9.34 9.35 -11.98
CA LEU A 483 8.18 8.53 -12.43
C LEU A 483 6.87 9.19 -11.95
N LEU A 484 6.80 9.57 -10.67
CA LEU A 484 5.58 10.19 -10.12
C LEU A 484 5.32 11.54 -10.79
N ASP A 485 6.37 12.34 -11.00
CA ASP A 485 6.18 13.70 -11.58
C ASP A 485 5.68 13.57 -13.02
N THR A 486 5.94 12.44 -13.67
CA THR A 486 5.55 12.26 -15.08
C THR A 486 4.20 11.61 -15.21
N PHE A 487 3.82 10.74 -14.27
CA PHE A 487 2.57 9.96 -14.45
C PHE A 487 1.48 10.30 -13.42
N ALA A 488 1.85 10.80 -12.24
CA ALA A 488 0.83 11.06 -11.20
C ALA A 488 -0.16 12.12 -11.70
N ALA A 489 0.36 13.15 -12.39
CA ALA A 489 -0.50 14.23 -12.91
C ALA A 489 -0.04 14.63 -14.30
N GLY A 490 -0.19 13.74 -15.29
CA GLY A 490 0.16 14.08 -16.68
C GLY A 490 -1.04 13.91 -17.57
N THR A 491 -1.19 12.75 -18.21
CA THR A 491 -2.40 12.47 -19.02
C THR A 491 -3.58 12.41 -18.08
N SER A 492 -3.37 11.91 -16.87
CA SER A 492 -4.46 11.78 -15.87
C SER A 492 -5.10 13.14 -15.55
N ILE A 493 -4.28 14.16 -15.30
CA ILE A 493 -4.83 15.49 -14.92
C ILE A 493 -5.49 16.14 -16.15
N LEU A 494 -4.90 15.94 -17.33
CA LEU A 494 -5.49 16.49 -18.58
C LEU A 494 -6.84 15.80 -18.83
N PHE A 495 -6.91 14.49 -18.57
CA PHE A 495 -8.18 13.74 -18.75
C PHE A 495 -9.20 14.22 -17.74
N ALA A 496 -8.78 14.43 -16.49
CA ALA A 496 -9.71 14.85 -15.42
C ALA A 496 -10.27 16.23 -15.71
N VAL A 497 -9.42 17.17 -16.14
CA VAL A 497 -9.89 18.56 -16.43
C VAL A 497 -10.75 18.51 -17.70
N LEU A 498 -10.46 17.59 -18.62
CA LEU A 498 -11.29 17.41 -19.84
C LEU A 498 -12.66 16.90 -19.41
N MET A 499 -12.70 15.91 -18.52
CA MET A 499 -13.98 15.32 -18.07
C MET A 499 -14.80 16.39 -17.31
N GLU A 500 -14.13 17.20 -16.50
CA GLU A 500 -14.83 18.28 -15.73
C GLU A 500 -15.43 19.29 -16.72
N ALA A 501 -14.65 19.72 -17.71
CA ALA A 501 -15.16 20.67 -18.73
C ALA A 501 -16.33 20.06 -19.48
N ILE A 502 -16.19 18.81 -19.93
CA ILE A 502 -17.29 18.10 -20.65
C ILE A 502 -18.50 17.96 -19.71
N GLY A 503 -18.26 17.61 -18.45
CA GLY A 503 -19.37 17.39 -17.49
C GLY A 503 -20.16 18.65 -17.22
N VAL A 504 -19.50 19.80 -17.15
CA VAL A 504 -20.21 21.07 -16.79
C VAL A 504 -20.73 21.77 -18.05
N SER A 505 -20.01 21.68 -19.17
CA SER A 505 -20.39 22.44 -20.39
C SER A 505 -21.42 21.68 -21.24
N TRP A 506 -21.37 20.34 -21.23
CA TRP A 506 -22.26 19.55 -22.12
C TRP A 506 -23.38 18.89 -21.32
N PHE A 507 -23.03 18.14 -20.28
CA PHE A 507 -24.05 17.37 -19.52
C PHE A 507 -24.87 18.31 -18.63
N TYR A 508 -24.19 19.24 -17.94
CA TYR A 508 -24.89 20.19 -17.05
C TYR A 508 -25.38 21.37 -17.89
N GLY A 509 -24.49 21.95 -18.71
CA GLY A 509 -24.88 23.06 -19.59
C GLY A 509 -24.10 24.32 -19.30
N VAL A 510 -23.35 24.83 -20.30
CA VAL A 510 -22.61 26.11 -20.14
C VAL A 510 -23.62 27.24 -19.86
N ASP A 511 -24.81 27.14 -20.45
CA ASP A 511 -25.87 28.17 -20.21
C ASP A 511 -26.25 28.17 -18.73
N ARG A 512 -26.52 26.98 -18.15
CA ARG A 512 -26.83 26.88 -16.71
C ARG A 512 -25.64 27.40 -15.90
N PHE A 513 -24.42 27.00 -16.28
CA PHE A 513 -23.20 27.43 -15.54
C PHE A 513 -23.11 28.95 -15.57
N SER A 514 -23.41 29.55 -16.72
CA SER A 514 -23.33 31.03 -16.86
C SER A 514 -24.40 31.70 -15.99
N ASN A 515 -25.59 31.10 -15.92
CA ASN A 515 -26.66 31.65 -15.03
C ASN A 515 -26.20 31.55 -13.58
N ASP A 516 -25.47 30.48 -13.24
CA ASP A 516 -24.93 30.31 -11.86
C ASP A 516 -23.98 31.46 -11.54
N ILE A 517 -23.08 31.78 -12.48
CA ILE A 517 -22.09 32.88 -12.28
C ILE A 517 -22.84 34.23 -12.30
N GLN A 518 -23.89 34.35 -13.11
CA GLN A 518 -24.70 35.58 -13.13
C GLN A 518 -25.34 35.78 -11.75
N GLN A 519 -25.74 34.68 -11.11
CA GLN A 519 -26.33 34.77 -9.74
C GLN A 519 -25.22 35.14 -8.74
N MET A 520 -24.03 34.53 -8.88
CA MET A 520 -22.93 34.77 -7.91
C MET A 520 -22.27 36.13 -8.14
N MET A 521 -21.80 36.41 -9.36
CA MET A 521 -21.02 37.66 -9.60
C MET A 521 -21.85 38.75 -10.29
N GLY A 522 -23.12 38.49 -10.60
CA GLY A 522 -23.98 39.56 -11.14
C GLY A 522 -23.82 39.81 -12.63
N PHE A 523 -23.11 38.93 -13.34
CA PHE A 523 -23.00 39.09 -14.81
C PHE A 523 -22.84 37.71 -15.45
N ARG A 524 -23.40 37.51 -16.64
CA ARG A 524 -23.22 36.22 -17.36
C ARG A 524 -21.85 36.26 -18.06
N PRO A 525 -21.01 35.20 -17.94
CA PRO A 525 -19.73 35.16 -18.62
C PRO A 525 -19.88 35.44 -20.11
N GLY A 526 -18.86 36.06 -20.72
CA GLY A 526 -18.91 36.41 -22.15
C GLY A 526 -18.83 35.21 -23.05
N LEU A 527 -19.13 35.39 -24.34
CA LEU A 527 -19.12 34.27 -25.31
C LEU A 527 -17.72 33.61 -25.34
N TYR A 528 -16.67 34.41 -25.20
CA TYR A 528 -15.28 33.86 -25.19
C TYR A 528 -15.20 32.75 -24.15
N TRP A 529 -15.66 33.02 -22.93
CA TRP A 529 -15.57 32.02 -21.84
C TRP A 529 -16.47 30.83 -22.16
N ARG A 530 -17.68 31.10 -22.63
CA ARG A 530 -18.66 30.02 -22.93
C ARG A 530 -18.09 29.14 -24.06
N LEU A 531 -17.54 29.76 -25.10
CA LEU A 531 -16.98 29.00 -26.25
C LEU A 531 -15.77 28.18 -25.77
N CYS A 532 -14.91 28.77 -24.95
CA CYS A 532 -13.73 28.05 -24.41
C CYS A 532 -14.22 26.87 -23.55
N TRP A 533 -15.16 27.12 -22.64
CA TRP A 533 -15.63 26.05 -21.73
C TRP A 533 -16.25 24.88 -22.49
N LYS A 534 -16.93 25.15 -23.61
CA LYS A 534 -17.64 24.05 -24.31
C LYS A 534 -16.84 23.47 -25.48
N PHE A 535 -16.08 24.29 -26.19
CA PHE A 535 -15.39 23.78 -27.42
C PHE A 535 -13.88 23.93 -27.34
N VAL A 536 -13.37 25.16 -27.22
CA VAL A 536 -11.90 25.38 -27.27
C VAL A 536 -11.19 24.56 -26.17
N SER A 537 -11.57 24.77 -24.90
CA SER A 537 -10.88 24.06 -23.79
C SER A 537 -10.91 22.54 -24.04
N PRO A 538 -12.09 21.90 -24.19
CA PRO A 538 -12.15 20.45 -24.35
C PRO A 538 -11.36 19.98 -25.55
N ALA A 539 -11.48 20.67 -26.69
CA ALA A 539 -10.80 20.22 -27.93
C ALA A 539 -9.29 20.18 -27.71
N PHE A 540 -8.72 21.24 -27.16
CA PHE A 540 -7.25 21.30 -26.90
C PHE A 540 -6.88 20.25 -25.85
N LEU A 541 -7.69 20.12 -24.81
CA LEU A 541 -7.44 19.10 -23.75
C LEU A 541 -7.49 17.70 -24.39
N LEU A 542 -8.49 17.45 -25.24
CA LEU A 542 -8.60 16.14 -25.93
C LEU A 542 -7.35 15.90 -26.80
N PHE A 543 -6.91 16.93 -27.52
CA PHE A 543 -5.73 16.81 -28.42
C PHE A 543 -4.50 16.41 -27.61
N VAL A 544 -4.24 17.10 -26.49
CA VAL A 544 -2.99 16.81 -25.70
C VAL A 544 -3.12 15.42 -25.06
N VAL A 545 -4.32 15.04 -24.60
CA VAL A 545 -4.53 13.69 -24.00
C VAL A 545 -4.20 12.62 -25.06
N VAL A 546 -4.80 12.72 -26.24
CA VAL A 546 -4.54 11.74 -27.33
C VAL A 546 -3.05 11.78 -27.69
N VAL A 547 -2.51 12.99 -27.90
CA VAL A 547 -1.07 13.14 -28.28
C VAL A 547 -0.18 12.56 -27.17
N SER A 548 -0.55 12.75 -25.90
CA SER A 548 0.22 12.20 -24.76
C SER A 548 0.34 10.67 -24.91
N ILE A 549 -0.75 10.00 -25.30
CA ILE A 549 -0.75 8.52 -25.43
C ILE A 549 -0.10 8.12 -26.77
N ILE A 550 -0.48 8.78 -27.86
CA ILE A 550 0.04 8.40 -29.21
C ILE A 550 1.56 8.64 -29.26
N ASN A 551 2.02 9.80 -28.78
CA ASN A 551 3.47 10.14 -28.86
C ASN A 551 4.08 10.09 -27.47
N PHE A 552 3.83 9.01 -26.71
CA PHE A 552 4.47 8.85 -25.38
C PHE A 552 5.94 8.53 -25.58
N LYS A 553 6.81 9.17 -24.79
CA LYS A 553 8.26 8.88 -24.86
C LYS A 553 8.67 8.07 -23.63
N PRO A 554 9.53 7.03 -23.77
CA PRO A 554 10.00 6.29 -22.61
C PRO A 554 10.62 7.23 -21.58
N LEU A 555 10.33 6.99 -20.29
CA LEU A 555 10.83 7.90 -19.23
C LEU A 555 12.35 7.83 -19.10
N THR A 556 13.00 8.96 -18.84
CA THR A 556 14.44 9.00 -18.68
C THR A 556 14.85 10.09 -17.70
N TYR A 557 15.72 9.79 -16.75
CA TYR A 557 16.21 10.83 -15.86
C TYR A 557 17.62 11.12 -16.32
N ASP A 558 17.83 12.27 -16.95
CA ASP A 558 19.14 12.62 -17.48
C ASP A 558 19.64 11.51 -18.38
N ASP A 559 20.88 11.06 -18.15
CA ASP A 559 21.44 9.96 -18.93
C ASP A 559 20.69 8.64 -18.71
N TYR A 560 20.26 8.39 -17.48
CA TYR A 560 19.58 7.13 -17.16
C TYR A 560 18.30 6.93 -17.91
N ILE A 561 18.08 5.72 -18.42
CA ILE A 561 16.84 5.41 -19.12
C ILE A 561 16.09 4.40 -18.28
N PHE A 562 14.82 4.67 -18.02
CA PHE A 562 14.04 3.79 -17.19
C PHE A 562 13.79 2.39 -17.80
N PRO A 563 13.74 1.31 -16.97
CA PRO A 563 13.42 0.02 -17.58
C PRO A 563 12.00 0.01 -18.12
N PRO A 564 11.69 -0.73 -19.21
CA PRO A 564 10.36 -0.68 -19.81
C PRO A 564 9.22 -0.89 -18.81
N TRP A 565 9.43 -1.72 -17.80
CA TRP A 565 8.36 -2.02 -16.82
C TRP A 565 8.00 -0.77 -16.01
N ALA A 566 8.98 0.11 -15.79
CA ALA A 566 8.73 1.36 -15.03
C ALA A 566 7.71 2.21 -15.79
N ASN A 567 7.80 2.23 -17.12
CA ASN A 567 6.83 2.97 -17.97
C ASN A 567 5.43 2.37 -17.80
N TRP A 568 5.33 1.04 -17.74
CA TRP A 568 4.02 0.37 -17.53
C TRP A 568 3.52 0.67 -16.12
N VAL A 569 4.42 0.64 -15.14
CA VAL A 569 4.04 0.99 -13.73
C VAL A 569 3.56 2.45 -13.73
N GLY A 570 4.26 3.33 -14.45
CA GLY A 570 3.83 4.74 -14.54
C GLY A 570 2.46 4.86 -15.16
N TRP A 571 2.22 4.15 -16.26
CA TRP A 571 0.88 4.17 -16.90
C TRP A 571 -0.16 3.59 -15.95
N GLY A 572 0.23 2.62 -15.11
CA GLY A 572 -0.70 2.10 -14.09
C GLY A 572 -1.09 3.19 -13.12
N ILE A 573 -0.12 4.00 -12.68
CA ILE A 573 -0.41 5.15 -11.77
C ILE A 573 -1.35 6.12 -12.49
N ALA A 574 -1.02 6.47 -13.74
CA ALA A 574 -1.87 7.38 -14.53
C ALA A 574 -3.29 6.81 -14.64
N LEU A 575 -3.40 5.55 -15.08
CA LEU A 575 -4.74 4.92 -15.27
C LEU A 575 -5.49 4.81 -13.94
N SER A 576 -4.78 4.60 -12.83
CA SER A 576 -5.43 4.46 -11.50
C SER A 576 -6.46 5.59 -11.32
N SER A 577 -6.02 6.84 -11.45
CA SER A 577 -6.95 8.00 -11.32
C SER A 577 -7.96 8.00 -12.47
N MET A 578 -7.49 7.74 -13.69
CA MET A 578 -8.36 7.81 -14.88
C MET A 578 -9.47 6.75 -14.82
N VAL A 579 -9.18 5.57 -14.28
CA VAL A 579 -10.18 4.46 -14.28
C VAL A 579 -11.30 4.77 -13.27
N LEU A 580 -11.05 5.67 -12.31
CA LEU A 580 -12.07 6.00 -11.29
C LEU A 580 -13.34 6.56 -11.97
N VAL A 581 -13.18 7.34 -13.03
CA VAL A 581 -14.34 7.96 -13.75
C VAL A 581 -15.20 6.84 -14.36
N PRO A 582 -14.66 5.95 -15.22
CA PRO A 582 -15.45 4.84 -15.76
C PRO A 582 -16.03 3.97 -14.66
N ILE A 583 -15.20 3.60 -13.67
CA ILE A 583 -15.65 2.70 -12.57
C ILE A 583 -16.84 3.35 -11.85
N TYR A 584 -16.80 4.66 -11.60
CA TYR A 584 -17.89 5.32 -10.83
C TYR A 584 -19.19 5.27 -11.66
N VAL A 585 -19.08 5.50 -12.97
CA VAL A 585 -20.28 5.45 -13.86
C VAL A 585 -20.87 4.03 -13.78
N ILE A 586 -20.03 3.01 -13.88
CA ILE A 586 -20.51 1.60 -13.77
C ILE A 586 -21.21 1.44 -12.41
N TYR A 587 -20.55 1.86 -11.33
CA TYR A 587 -21.11 1.75 -9.97
C TYR A 587 -22.41 2.52 -9.88
N LYS A 588 -22.43 3.77 -10.35
CA LYS A 588 -23.63 4.63 -10.20
C LYS A 588 -24.82 3.96 -10.90
N PHE A 589 -24.62 3.44 -12.11
CA PHE A 589 -25.73 2.83 -12.88
C PHE A 589 -26.19 1.55 -12.19
N LEU A 590 -25.23 0.70 -11.79
CA LEU A 590 -25.57 -0.57 -11.10
C LEU A 590 -26.26 -0.26 -9.76
N SER A 591 -25.81 0.78 -9.06
CA SER A 591 -26.38 1.11 -7.72
C SER A 591 -27.76 1.75 -7.87
N THR A 592 -28.06 2.32 -9.04
CA THR A 592 -29.38 2.96 -9.27
C THR A 592 -30.39 1.89 -9.57
N GLN A 593 -31.63 2.05 -9.09
CA GLN A 593 -32.71 1.08 -9.36
C GLN A 593 -33.75 1.70 -10.29
N GLY A 594 -34.03 1.06 -11.43
CA GLY A 594 -35.02 1.58 -12.39
C GLY A 594 -34.74 1.07 -13.78
N SER A 595 -35.47 1.58 -14.77
CA SER A 595 -35.22 1.18 -16.18
C SER A 595 -33.90 1.80 -16.66
N LEU A 596 -33.29 1.23 -17.71
CA LEU A 596 -32.01 1.77 -18.24
C LEU A 596 -32.18 3.28 -18.51
N TRP A 597 -33.31 3.68 -19.11
CA TRP A 597 -33.58 5.12 -19.35
C TRP A 597 -33.60 5.87 -18.01
N GLU A 598 -34.36 5.36 -17.04
CA GLU A 598 -34.49 6.06 -15.74
C GLU A 598 -33.11 6.18 -15.08
N ARG A 599 -32.33 5.10 -15.10
CA ARG A 599 -31.00 5.12 -14.42
C ARG A 599 -30.11 6.16 -15.12
N LEU A 600 -30.14 6.20 -16.45
CA LEU A 600 -29.29 7.16 -17.21
C LEU A 600 -29.69 8.60 -16.87
N ALA A 601 -31.00 8.86 -16.77
CA ALA A 601 -31.48 10.21 -16.44
C ALA A 601 -31.00 10.58 -15.04
N TYR A 602 -31.12 9.67 -14.08
CA TYR A 602 -30.71 9.95 -12.68
C TYR A 602 -29.22 10.28 -12.63
N GLY A 603 -28.44 9.74 -13.56
CA GLY A 603 -26.98 9.95 -13.56
C GLY A 603 -26.59 11.25 -14.23
N ILE A 604 -27.51 11.93 -14.92
CA ILE A 604 -27.15 13.16 -15.69
C ILE A 604 -27.96 14.35 -15.17
N THR A 605 -28.88 14.13 -14.22
CA THR A 605 -29.75 15.24 -13.75
C THR A 605 -29.23 15.78 -12.44
N PRO A 606 -29.32 17.11 -12.20
CA PRO A 606 -28.89 17.69 -10.94
C PRO A 606 -29.54 16.96 -9.78
N GLU A 607 -28.75 16.60 -8.76
CA GLU A 607 -29.30 15.77 -7.65
C GLU A 607 -30.23 16.60 -6.77
N ASN A 608 -30.58 17.82 -7.18
CA ASN A 608 -31.54 18.66 -6.41
C ASN A 608 -32.88 18.69 -7.14
N GLU A 609 -32.96 18.10 -8.33
CA GLU A 609 -34.22 18.10 -9.12
C GLU A 609 -34.44 16.71 -9.73
N HIS A 610 -34.22 15.66 -8.94
CA HIS A 610 -34.45 14.27 -9.43
C HIS A 610 -35.96 14.03 -9.59
N HIS A 611 -36.78 14.94 -9.05
CA HIS A 611 -38.26 14.81 -9.22
C HIS A 611 -38.59 15.05 -10.70
N LEU A 612 -37.78 15.86 -11.39
CA LEU A 612 -38.00 16.08 -12.84
C LEU A 612 -37.88 14.74 -13.58
N VAL A 613 -36.97 13.87 -13.12
CA VAL A 613 -36.81 12.52 -13.75
C VAL A 613 -38.16 11.79 -13.67
N ALA A 614 -38.83 11.86 -12.51
CA ALA A 614 -40.16 11.23 -12.34
C ALA A 614 -41.16 11.87 -13.30
N GLN A 615 -41.04 13.18 -13.54
CA GLN A 615 -42.00 13.88 -14.40
C GLN A 615 -41.52 13.88 -15.84
N ARG A 616 -40.45 13.14 -16.12
CA ARG A 616 -39.89 13.07 -17.48
C ARG A 616 -39.50 14.44 -18.06
N ASP A 617 -38.96 15.32 -17.23
CA ASP A 617 -38.53 16.63 -17.70
C ASP A 617 -37.00 16.65 -17.73
N ILE A 618 -36.41 15.95 -18.68
CA ILE A 618 -34.92 15.86 -18.75
C ILE A 618 -34.41 16.82 -19.85
N ARG A 619 -33.72 17.88 -19.45
CA ARG A 619 -33.14 18.83 -20.44
C ARG A 619 -32.11 18.06 -21.29
N GLN A 620 -31.38 17.13 -20.69
CA GLN A 620 -30.31 16.40 -21.42
C GLN A 620 -30.92 15.46 -22.46
N PHE A 621 -32.23 15.24 -22.41
CA PHE A 621 -32.89 14.38 -23.44
C PHE A 621 -33.49 15.28 -24.52
N GLN A 622 -33.06 16.54 -24.57
CA GLN A 622 -33.52 17.47 -25.64
C GLN A 622 -32.29 17.94 -26.42
N LEU A 623 -32.37 17.99 -27.75
CA LEU A 623 -31.20 18.37 -28.59
C LEU A 623 -30.74 19.80 -28.26
N GLN A 624 -31.68 20.68 -27.89
CA GLN A 624 -31.34 22.11 -27.60
C GLN A 624 -30.33 22.20 -26.45
N HIS A 625 -30.38 21.27 -25.50
CA HIS A 625 -29.42 21.26 -24.36
C HIS A 625 -28.00 21.19 -24.91
N TRP A 626 -27.78 20.31 -25.90
CA TRP A 626 -26.43 20.13 -26.47
C TRP A 626 -26.19 21.18 -27.56
N LEU A 627 -27.22 21.98 -27.86
CA LEU A 627 -27.11 23.05 -28.88
C LEU A 627 -27.12 24.42 -28.18
N ALA A 628 -26.99 24.43 -26.85
CA ALA A 628 -27.02 25.69 -26.08
C ALA A 628 -25.62 26.07 -25.61
N ILE A 629 -25.24 27.35 -25.75
CA ILE A 629 -23.91 27.81 -25.27
C ILE A 629 -24.13 28.83 -24.14
N PRO B 67 -29.97 -9.23 14.97
CA PRO B 67 -30.27 -10.12 13.86
C PRO B 67 -29.03 -10.86 13.40
N ARG B 68 -28.20 -11.30 14.35
CA ARG B 68 -26.95 -12.04 14.01
C ARG B 68 -27.35 -13.39 13.41
N GLU B 69 -26.68 -13.79 12.32
CA GLU B 69 -27.03 -15.05 11.62
C GLU B 69 -26.46 -16.26 12.38
N THR B 70 -27.11 -16.66 13.48
CA THR B 70 -26.67 -17.86 14.21
C THR B 70 -26.75 -19.04 13.28
N TRP B 71 -25.71 -19.89 13.26
CA TRP B 71 -25.74 -21.11 12.42
C TRP B 71 -27.15 -21.72 12.46
N LEU B 78 -20.75 -33.68 14.12
CA LEU B 78 -20.05 -34.87 13.57
C LEU B 78 -19.12 -34.41 12.43
N LEU B 79 -19.65 -34.28 11.21
CA LEU B 79 -18.83 -33.79 10.07
C LEU B 79 -18.37 -32.35 10.36
N SER B 80 -19.15 -31.61 11.14
CA SER B 80 -18.80 -30.19 11.44
C SER B 80 -17.43 -30.13 12.13
N VAL B 81 -17.26 -30.86 13.23
CA VAL B 81 -15.98 -30.81 14.00
C VAL B 81 -14.84 -31.41 13.16
N VAL B 82 -15.12 -32.50 12.43
CA VAL B 82 -14.03 -33.18 11.67
C VAL B 82 -13.55 -32.23 10.56
N GLY B 83 -14.47 -31.52 9.91
CA GLY B 83 -14.08 -30.54 8.87
C GLY B 83 -13.32 -29.38 9.48
N PHE B 84 -13.73 -28.96 10.67
CA PHE B 84 -13.06 -27.83 11.38
C PHE B 84 -11.64 -28.25 11.75
N ALA B 85 -11.46 -29.53 12.07
CA ALA B 85 -10.12 -30.04 12.49
C ALA B 85 -9.13 -29.98 11.32
N VAL B 86 -9.57 -30.35 10.12
CA VAL B 86 -8.65 -30.35 8.94
C VAL B 86 -8.47 -28.90 8.48
N ASP B 87 -7.26 -28.56 8.02
CA ASP B 87 -6.98 -27.17 7.56
C ASP B 87 -5.78 -27.20 6.62
N LEU B 88 -5.66 -26.18 5.76
CA LEU B 88 -4.48 -26.09 4.88
C LEU B 88 -3.22 -26.15 5.77
N ALA B 89 -3.31 -25.62 6.99
CA ALA B 89 -2.15 -25.63 7.92
C ALA B 89 -1.78 -27.08 8.29
N ASN B 90 -2.78 -27.90 8.61
CA ASN B 90 -2.52 -29.31 9.01
C ASN B 90 -1.98 -30.13 7.83
N VAL B 91 -2.39 -29.79 6.60
CA VAL B 91 -1.99 -30.62 5.42
C VAL B 91 -0.79 -30.00 4.70
N TRP B 92 -0.60 -28.68 4.80
CA TRP B 92 0.50 -28.02 4.04
C TRP B 92 1.59 -27.48 4.99
N ARG B 93 1.21 -26.73 6.03
CA ARG B 93 2.23 -26.11 6.91
C ARG B 93 2.87 -27.14 7.84
N PHE B 94 2.06 -27.94 8.53
CA PHE B 94 2.61 -28.93 9.51
C PHE B 94 3.72 -29.76 8.84
N PRO B 95 3.49 -30.41 7.68
CA PRO B 95 4.50 -31.28 7.10
C PRO B 95 5.90 -30.65 7.05
N TYR B 96 6.01 -29.41 6.58
CA TYR B 96 7.36 -28.80 6.42
C TYR B 96 7.91 -28.37 7.79
N LEU B 97 7.04 -27.90 8.70
CA LEU B 97 7.49 -27.56 10.07
C LEU B 97 8.01 -28.84 10.73
N CYS B 98 7.28 -29.95 10.58
CA CYS B 98 7.74 -31.25 11.13
C CYS B 98 9.07 -31.64 10.48
N TYR B 99 9.15 -31.59 9.14
CA TYR B 99 10.39 -32.01 8.43
C TYR B 99 11.57 -31.16 8.89
N LYS B 100 11.38 -29.85 8.99
CA LYS B 100 12.46 -28.93 9.39
C LYS B 100 12.90 -29.19 10.84
N ASN B 101 11.96 -29.49 11.74
CA ASN B 101 12.31 -29.65 13.18
C ASN B 101 12.46 -31.12 13.56
N GLY B 102 12.77 -32.00 12.60
CA GLY B 102 12.87 -33.44 12.89
C GLY B 102 11.50 -34.06 13.06
N GLY B 103 11.39 -35.38 12.92
CA GLY B 103 10.06 -36.02 12.98
C GLY B 103 9.36 -35.89 14.31
N GLY B 104 9.88 -36.54 15.36
CA GLY B 104 9.16 -36.56 16.66
C GLY B 104 9.61 -35.45 17.58
N ALA B 105 10.76 -34.84 17.28
CA ALA B 105 11.27 -33.72 18.11
C ALA B 105 10.29 -32.54 18.01
N PHE B 106 9.42 -32.54 17.01
CA PHE B 106 8.41 -31.45 16.84
C PHE B 106 7.13 -31.87 17.52
N LEU B 107 6.85 -33.17 17.56
CA LEU B 107 5.58 -33.68 18.15
C LEU B 107 5.55 -33.35 19.66
N ILE B 108 6.67 -33.53 20.34
CA ILE B 108 6.70 -33.30 21.83
C ILE B 108 6.30 -31.84 22.12
N PRO B 109 6.99 -30.82 21.59
CA PRO B 109 6.57 -29.44 21.80
C PRO B 109 5.15 -29.19 21.33
N TYR B 110 4.79 -29.74 20.17
CA TYR B 110 3.44 -29.49 19.59
C TYR B 110 2.36 -30.00 20.55
N THR B 111 2.50 -31.23 21.06
CA THR B 111 1.49 -31.82 21.96
C THR B 111 1.43 -31.02 23.24
N LEU B 112 2.59 -30.63 23.79
CA LEU B 112 2.64 -29.82 25.03
C LEU B 112 1.87 -28.50 24.80
N PHE B 113 2.23 -27.76 23.76
CA PHE B 113 1.58 -26.43 23.53
C PHE B 113 0.10 -26.62 23.33
N LEU B 114 -0.29 -27.73 22.69
CA LEU B 114 -1.73 -28.00 22.44
C LEU B 114 -2.46 -28.19 23.79
N ILE B 115 -1.92 -29.03 24.67
CA ILE B 115 -2.65 -29.35 25.94
C ILE B 115 -2.57 -28.16 26.93
N ILE B 116 -1.43 -27.48 27.04
CA ILE B 116 -1.30 -26.43 28.10
C ILE B 116 -1.69 -25.04 27.55
N ALA B 117 -1.78 -24.87 26.24
CA ALA B 117 -2.04 -23.51 25.69
C ALA B 117 -3.07 -23.55 24.56
N GLY B 118 -2.78 -24.30 23.49
CA GLY B 118 -3.67 -24.34 22.31
C GLY B 118 -5.10 -24.67 22.69
N MET B 119 -5.34 -25.85 23.25
CA MET B 119 -6.72 -26.29 23.62
C MET B 119 -7.33 -25.32 24.64
N PRO B 120 -6.66 -24.93 25.74
CA PRO B 120 -7.22 -23.94 26.65
C PRO B 120 -7.64 -22.63 25.99
N LEU B 121 -6.78 -22.10 25.11
CA LEU B 121 -7.08 -20.80 24.43
C LEU B 121 -8.21 -20.99 23.41
N PHE B 122 -8.26 -22.16 22.76
CA PHE B 122 -9.34 -22.47 21.78
C PHE B 122 -10.67 -22.37 22.50
N TYR B 123 -10.74 -22.91 23.71
CA TYR B 123 -12.00 -22.90 24.51
C TYR B 123 -12.35 -21.45 24.88
N MET B 124 -11.34 -20.66 25.26
CA MET B 124 -11.56 -19.23 25.62
C MET B 124 -12.09 -18.47 24.40
N GLU B 125 -11.44 -18.60 23.25
CA GLU B 125 -11.85 -17.85 22.01
C GLU B 125 -13.27 -18.29 21.60
N LEU B 126 -13.59 -19.58 21.69
CA LEU B 126 -14.95 -20.07 21.35
C LEU B 126 -15.97 -19.46 22.31
N ALA B 127 -15.68 -19.46 23.62
CA ALA B 127 -16.64 -18.94 24.62
C ALA B 127 -16.75 -17.43 24.51
N LEU B 128 -15.63 -16.76 24.23
CA LEU B 128 -15.62 -15.28 24.12
C LEU B 128 -16.59 -14.83 23.01
N GLY B 129 -16.55 -15.50 21.86
CA GLY B 129 -17.43 -15.14 20.73
C GLY B 129 -18.84 -15.63 20.92
N GLN B 130 -19.03 -16.70 21.70
CA GLN B 130 -20.37 -17.31 21.85
C GLN B 130 -21.14 -16.65 23.00
N TYR B 131 -20.44 -15.85 23.82
CA TYR B 131 -21.11 -15.20 24.98
C TYR B 131 -21.36 -13.74 24.64
N ASN B 132 -20.38 -13.10 24.00
CA ASN B 132 -20.51 -11.64 23.67
C ASN B 132 -21.16 -11.51 22.29
N ARG B 133 -21.23 -12.60 21.52
CA ARG B 133 -21.83 -12.58 20.17
C ARG B 133 -21.12 -11.49 19.34
N GLU B 134 -19.79 -11.42 19.42
CA GLU B 134 -19.04 -10.34 18.72
C GLU B 134 -17.81 -10.93 18.01
N GLY B 135 -17.19 -10.13 17.13
CA GLY B 135 -15.99 -10.57 16.41
C GLY B 135 -14.74 -10.31 17.21
N ALA B 136 -13.56 -10.40 16.59
CA ALA B 136 -12.28 -10.28 17.33
C ALA B 136 -12.13 -8.93 18.05
N ALA B 137 -12.57 -7.83 17.44
CA ALA B 137 -12.33 -6.49 18.05
C ALA B 137 -13.47 -6.04 18.97
N THR B 138 -14.70 -6.45 18.67
CA THR B 138 -15.86 -5.94 19.44
C THR B 138 -16.12 -6.77 20.69
N VAL B 139 -15.40 -7.88 20.87
CA VAL B 139 -15.56 -8.68 22.12
C VAL B 139 -14.84 -7.95 23.27
N TRP B 140 -14.08 -6.90 22.94
CA TRP B 140 -13.26 -6.21 23.98
C TRP B 140 -14.07 -5.13 24.70
N LYS B 141 -15.39 -5.16 24.55
CA LYS B 141 -16.23 -4.23 25.36
C LYS B 141 -16.03 -4.63 26.82
N ILE B 142 -15.69 -5.89 27.08
CA ILE B 142 -15.46 -6.40 28.46
C ILE B 142 -14.24 -5.68 29.08
N CYS B 143 -13.22 -5.37 28.29
CA CYS B 143 -12.05 -4.64 28.78
C CYS B 143 -11.63 -3.77 27.63
N PRO B 144 -12.01 -2.48 27.63
CA PRO B 144 -11.78 -1.60 26.49
C PRO B 144 -10.36 -1.37 26.01
N PHE B 145 -9.38 -1.33 26.91
CA PHE B 145 -8.01 -1.05 26.54
C PHE B 145 -7.48 -2.09 25.57
N PHE B 146 -8.10 -3.27 25.56
CA PHE B 146 -7.61 -4.34 24.72
C PHE B 146 -8.16 -4.46 23.28
N LYS B 147 -9.00 -3.54 22.81
CA LYS B 147 -9.46 -3.63 21.42
C LYS B 147 -8.33 -3.65 20.40
N GLY B 148 -7.16 -3.15 20.76
CA GLY B 148 -5.99 -3.21 19.87
C GLY B 148 -5.60 -4.65 19.60
N VAL B 149 -5.87 -5.55 20.55
CA VAL B 149 -5.61 -7.00 20.35
C VAL B 149 -6.52 -7.51 19.24
N GLY B 150 -7.79 -7.07 19.23
CA GLY B 150 -8.73 -7.46 18.16
C GLY B 150 -8.29 -6.92 16.81
N TYR B 151 -7.82 -5.67 16.77
CA TYR B 151 -7.33 -5.06 15.51
C TYR B 151 -6.06 -5.78 15.06
N ALA B 152 -5.26 -6.24 16.01
CA ALA B 152 -3.98 -6.93 15.68
C ALA B 152 -4.26 -8.27 15.02
N VAL B 153 -5.21 -9.04 15.55
CA VAL B 153 -5.51 -10.40 15.01
C VAL B 153 -6.20 -10.25 13.63
N ILE B 154 -7.01 -9.20 13.44
CA ILE B 154 -7.65 -8.95 12.12
C ILE B 154 -6.55 -8.60 11.10
N LEU B 155 -5.55 -7.83 11.50
CA LEU B 155 -4.42 -7.49 10.59
C LEU B 155 -3.63 -8.76 10.27
N ILE B 156 -3.42 -9.64 11.26
CA ILE B 156 -2.69 -10.93 11.03
C ILE B 156 -3.50 -11.79 10.04
N ALA B 157 -4.82 -11.86 10.23
CA ALA B 157 -5.68 -12.65 9.32
C ALA B 157 -5.55 -12.12 7.89
N LEU B 158 -5.50 -10.80 7.73
CA LEU B 158 -5.35 -10.19 6.38
C LEU B 158 -3.97 -10.55 5.80
N TYR B 159 -2.91 -10.41 6.61
CA TYR B 159 -1.54 -10.72 6.15
C TYR B 159 -1.46 -12.18 5.69
N VAL B 160 -2.09 -13.09 6.45
CA VAL B 160 -2.00 -14.54 6.12
C VAL B 160 -2.83 -14.81 4.85
N GLY B 161 -3.94 -14.11 4.67
CA GLY B 161 -4.78 -14.29 3.48
C GLY B 161 -4.02 -14.04 2.20
N PHE B 162 -3.03 -13.15 2.24
CA PHE B 162 -2.26 -12.79 1.01
C PHE B 162 -1.54 -14.01 0.48
N TYR B 163 -0.85 -14.77 1.34
CA TYR B 163 -0.03 -15.91 0.82
C TYR B 163 -0.84 -17.22 0.89
N TYR B 164 -1.92 -17.26 1.67
CA TYR B 164 -2.82 -18.44 1.66
C TYR B 164 -3.45 -18.58 0.28
N ASN B 165 -3.85 -17.46 -0.31
CA ASN B 165 -4.50 -17.44 -1.65
C ASN B 165 -3.49 -17.92 -2.71
N VAL B 166 -2.21 -17.63 -2.50
CA VAL B 166 -1.14 -18.05 -3.46
C VAL B 166 -0.97 -19.58 -3.39
N ILE B 167 -1.15 -20.16 -2.20
CA ILE B 167 -1.06 -21.66 -2.07
C ILE B 167 -2.26 -22.27 -2.81
N ILE B 168 -3.44 -21.63 -2.73
CA ILE B 168 -4.63 -22.13 -3.46
C ILE B 168 -4.38 -22.01 -4.97
N ALA B 169 -3.75 -20.92 -5.41
CA ALA B 169 -3.42 -20.72 -6.83
C ALA B 169 -2.48 -21.83 -7.32
N TRP B 170 -1.53 -22.25 -6.49
CA TRP B 170 -0.62 -23.36 -6.86
C TRP B 170 -1.42 -24.65 -7.02
N SER B 171 -2.37 -24.89 -6.11
CA SER B 171 -3.22 -26.11 -6.18
C SER B 171 -4.07 -26.05 -7.45
N LEU B 172 -4.57 -24.87 -7.81
CA LEU B 172 -5.38 -24.71 -9.04
C LEU B 172 -4.53 -24.98 -10.27
N TYR B 173 -3.29 -24.49 -10.27
CA TYR B 173 -2.35 -24.74 -11.41
C TYR B 173 -2.05 -26.23 -11.48
N TYR B 174 -1.82 -26.86 -10.33
CA TYR B 174 -1.48 -28.31 -10.29
C TYR B 174 -2.69 -29.13 -10.74
N LEU B 175 -3.90 -28.69 -10.38
CA LEU B 175 -5.14 -29.38 -10.81
C LEU B 175 -5.23 -29.32 -12.34
N PHE B 176 -5.08 -28.12 -12.92
CA PHE B 176 -5.17 -27.93 -14.38
C PHE B 176 -4.12 -28.78 -15.07
N SER B 177 -2.95 -28.93 -14.44
CA SER B 177 -1.83 -29.70 -15.05
C SER B 177 -2.04 -31.20 -14.83
N SER B 178 -2.97 -31.58 -13.95
CA SER B 178 -3.18 -33.00 -13.60
C SER B 178 -4.08 -33.69 -14.65
N PHE B 179 -4.74 -32.90 -15.51
CA PHE B 179 -5.68 -33.51 -16.49
C PHE B 179 -4.90 -33.97 -17.72
N THR B 180 -3.90 -34.84 -17.51
CA THR B 180 -3.12 -35.40 -18.63
C THR B 180 -2.83 -36.85 -18.32
N LEU B 181 -2.79 -37.71 -19.34
CA LEU B 181 -2.41 -39.12 -19.10
C LEU B 181 -0.98 -39.12 -18.51
N ASN B 182 -0.11 -38.24 -19.01
CA ASN B 182 1.27 -38.12 -18.46
C ASN B 182 1.33 -36.89 -17.55
N LEU B 183 1.58 -37.10 -16.26
CA LEU B 183 1.61 -35.97 -15.29
C LEU B 183 2.89 -35.15 -15.51
N PRO B 184 2.88 -33.80 -15.33
CA PRO B 184 4.05 -32.99 -15.63
C PRO B 184 5.21 -33.14 -14.66
N TRP B 185 4.98 -33.73 -13.49
CA TRP B 185 6.02 -33.83 -12.44
C TRP B 185 6.63 -35.22 -12.40
N THR B 186 6.51 -36.01 -13.46
CA THR B 186 6.99 -37.40 -13.42
C THR B 186 8.29 -37.56 -14.19
N ASP B 187 8.51 -36.71 -15.20
CA ASP B 187 9.71 -36.92 -16.05
C ASP B 187 10.50 -35.61 -16.24
N CYS B 188 11.74 -35.66 -16.73
CA CYS B 188 12.50 -34.44 -17.01
C CYS B 188 12.74 -34.11 -18.49
N GLY B 189 11.75 -34.30 -19.34
CA GLY B 189 11.92 -33.98 -20.75
C GLY B 189 11.25 -32.70 -21.18
N HIS B 190 10.63 -32.00 -20.23
CA HIS B 190 9.89 -30.79 -20.53
C HIS B 190 10.73 -29.53 -20.69
N THR B 191 10.12 -28.47 -21.21
CA THR B 191 10.83 -27.21 -21.43
C THR B 191 11.35 -26.57 -20.16
N TRP B 192 10.56 -26.61 -19.10
CA TRP B 192 10.99 -26.04 -17.81
C TRP B 192 12.19 -26.75 -17.22
N ASN B 193 12.29 -28.05 -17.39
CA ASN B 193 13.36 -28.80 -16.76
C ASN B 193 14.76 -28.39 -17.17
N SER B 194 15.66 -28.29 -16.21
CA SER B 194 17.03 -27.88 -16.48
C SER B 194 17.91 -29.08 -16.86
N PRO B 195 19.18 -28.84 -17.33
CA PRO B 195 19.95 -30.05 -17.63
C PRO B 195 20.10 -30.86 -16.37
N ASN B 196 20.28 -30.20 -15.24
CA ASN B 196 20.33 -30.91 -13.97
C ASN B 196 18.95 -31.29 -13.48
N CYS B 197 18.38 -32.38 -14.00
CA CYS B 197 17.07 -32.88 -13.51
C CYS B 197 17.10 -34.41 -13.65
N THR B 198 17.54 -35.12 -12.61
CA THR B 198 17.70 -36.59 -12.71
C THR B 198 16.37 -37.26 -12.45
N ASP B 199 15.98 -38.20 -13.33
CA ASP B 199 14.74 -38.98 -13.11
C ASP B 199 15.00 -40.01 -12.01
N PRO B 200 14.16 -40.12 -10.95
CA PRO B 200 14.46 -41.04 -9.86
C PRO B 200 14.82 -42.40 -10.41
N LYS B 201 16.00 -42.91 -10.08
CA LYS B 201 16.37 -44.28 -10.50
C LYS B 201 16.02 -44.44 -11.98
N LEU B 202 16.22 -43.40 -12.78
CA LEU B 202 15.95 -43.48 -14.25
C LEU B 202 14.53 -44.05 -14.44
N LEU B 203 13.57 -43.57 -13.66
CA LEU B 203 12.16 -44.02 -13.82
C LEU B 203 11.73 -43.84 -15.28
N ASN B 204 11.70 -42.59 -15.75
CA ASN B 204 11.26 -42.32 -17.15
C ASN B 204 12.49 -42.24 -18.07
N GLY B 205 13.49 -41.43 -17.70
CA GLY B 205 14.69 -41.27 -18.53
C GLY B 205 15.89 -41.97 -17.93
N SER B 206 16.53 -42.87 -18.69
CA SER B 206 17.70 -43.64 -18.17
C SER B 206 19.01 -43.05 -18.74
N VAL B 207 19.60 -42.07 -18.04
CA VAL B 207 20.89 -41.46 -18.50
C VAL B 207 21.77 -41.19 -17.26
N LEU B 208 23.08 -41.45 -17.36
CA LEU B 208 24.04 -41.18 -16.25
C LEU B 208 23.60 -41.96 -15.00
N GLY B 209 23.86 -41.39 -13.81
CA GLY B 209 23.49 -42.07 -12.55
C GLY B 209 23.53 -41.11 -11.37
N ASN B 210 23.28 -41.61 -10.16
CA ASN B 210 23.35 -40.75 -8.94
C ASN B 210 24.75 -40.92 -8.31
N HIS B 211 25.65 -39.98 -8.58
CA HIS B 211 27.05 -40.07 -8.06
C HIS B 211 27.35 -38.84 -7.22
N THR B 212 26.36 -37.96 -7.04
CA THR B 212 26.55 -36.73 -6.22
C THR B 212 25.25 -36.38 -5.55
N LYS B 213 25.31 -35.87 -4.32
CA LYS B 213 24.08 -35.48 -3.57
C LYS B 213 24.07 -33.95 -3.42
N TYR B 214 22.96 -33.39 -2.95
CA TYR B 214 22.85 -31.91 -2.81
C TYR B 214 22.13 -31.58 -1.50
N SER B 215 22.57 -30.49 -0.85
CA SER B 215 21.89 -29.95 0.36
C SER B 215 20.38 -30.08 0.20
N LYS B 216 19.82 -29.52 -0.88
CA LYS B 216 18.37 -29.70 -1.17
C LYS B 216 18.28 -30.30 -2.57
N TYR B 217 17.63 -31.46 -2.73
CA TYR B 217 17.62 -32.10 -4.07
C TYR B 217 16.51 -31.45 -4.89
N LYS B 218 16.86 -30.38 -5.60
CA LYS B 218 15.85 -29.66 -6.42
C LYS B 218 15.99 -30.12 -7.88
N PHE B 219 16.77 -31.18 -8.11
CA PHE B 219 16.99 -31.69 -9.50
C PHE B 219 16.09 -32.91 -9.71
N THR B 220 14.94 -32.93 -9.04
CA THR B 220 13.97 -34.02 -9.24
C THR B 220 12.85 -33.50 -10.11
N PRO B 221 12.23 -34.32 -10.99
CA PRO B 221 11.13 -33.87 -11.81
C PRO B 221 10.07 -33.09 -11.05
N ALA B 222 9.64 -33.60 -9.88
CA ALA B 222 8.57 -32.93 -9.09
C ALA B 222 9.08 -31.59 -8.57
N ALA B 223 10.33 -31.54 -8.12
CA ALA B 223 10.91 -30.30 -7.58
C ALA B 223 11.08 -29.29 -8.72
N GLU B 224 11.62 -29.73 -9.85
CA GLU B 224 11.81 -28.85 -10.98
C GLU B 224 10.47 -28.34 -11.51
N PHE B 225 9.45 -29.19 -11.51
CA PHE B 225 8.16 -28.71 -11.93
C PHE B 225 7.62 -27.63 -11.01
N TYR B 226 7.75 -27.81 -9.71
CA TYR B 226 7.31 -26.77 -8.80
C TYR B 226 8.12 -25.49 -8.91
N GLU B 227 9.43 -25.60 -8.89
CA GLU B 227 10.29 -24.42 -8.93
C GLU B 227 10.35 -23.70 -10.26
N ARG B 228 10.47 -24.44 -11.35
CA ARG B 228 10.62 -23.83 -12.66
C ARG B 228 9.33 -23.84 -13.44
N GLY B 229 8.62 -24.95 -13.43
CA GLY B 229 7.34 -25.04 -14.12
C GLY B 229 6.23 -24.17 -13.61
N VAL B 230 6.14 -24.02 -12.29
CA VAL B 230 5.06 -23.24 -11.70
C VAL B 230 5.53 -21.90 -11.20
N LEU B 231 6.51 -21.88 -10.31
CA LEU B 231 6.92 -20.60 -9.67
C LEU B 231 7.85 -19.81 -10.61
N HIS B 232 8.62 -20.49 -11.46
CA HIS B 232 9.62 -19.79 -12.31
C HIS B 232 10.59 -19.07 -11.37
N LEU B 233 10.95 -19.73 -10.27
CA LEU B 233 11.86 -19.12 -9.26
C LEU B 233 13.26 -18.99 -9.86
N HIS B 234 13.56 -19.79 -10.89
CA HIS B 234 14.89 -19.73 -11.56
C HIS B 234 15.09 -18.35 -12.18
N GLU B 235 14.01 -17.57 -12.31
CA GLU B 235 14.09 -16.24 -12.95
C GLU B 235 14.24 -15.15 -11.86
N SER B 236 14.28 -15.54 -10.59
CA SER B 236 14.50 -14.56 -9.49
C SER B 236 15.78 -14.93 -8.74
N SER B 237 16.60 -13.94 -8.39
CA SER B 237 17.86 -14.19 -7.66
C SER B 237 17.65 -14.03 -6.15
N GLY B 238 16.56 -13.36 -5.75
CA GLY B 238 16.27 -13.20 -4.32
C GLY B 238 15.08 -12.29 -4.09
N ILE B 239 14.85 -11.89 -2.84
CA ILE B 239 13.73 -10.97 -2.51
C ILE B 239 14.06 -9.58 -3.08
N HIS B 240 15.32 -9.34 -3.45
CA HIS B 240 15.71 -8.06 -4.09
C HIS B 240 15.25 -8.06 -5.55
N ASP B 241 15.28 -9.22 -6.21
CA ASP B 241 14.89 -9.33 -7.64
C ASP B 241 13.70 -10.27 -7.77
N ILE B 242 12.53 -9.85 -7.28
CA ILE B 242 11.33 -10.74 -7.30
C ILE B 242 10.87 -10.92 -8.77
N GLY B 243 10.92 -9.86 -9.57
CA GLY B 243 10.54 -9.95 -10.99
C GLY B 243 9.10 -9.53 -11.22
N LEU B 244 8.48 -10.04 -12.29
CA LEU B 244 7.07 -9.68 -12.61
C LEU B 244 6.13 -10.82 -12.19
N PRO B 245 4.88 -10.53 -11.77
CA PRO B 245 3.94 -11.58 -11.44
C PRO B 245 3.77 -12.58 -12.58
N GLN B 246 3.90 -13.87 -12.29
CA GLN B 246 3.73 -14.93 -13.32
C GLN B 246 2.28 -14.87 -13.82
N TRP B 247 2.06 -14.82 -15.15
CA TRP B 247 0.69 -14.63 -15.69
C TRP B 247 -0.18 -15.87 -15.42
N GLN B 248 0.38 -17.08 -15.52
CA GLN B 248 -0.43 -18.31 -15.31
C GLN B 248 -0.91 -18.33 -13.86
N LEU B 249 -0.06 -17.93 -12.92
CA LEU B 249 -0.45 -17.88 -11.48
C LEU B 249 -1.37 -16.66 -11.25
N LEU B 250 -1.23 -15.62 -12.07
CA LEU B 250 -2.11 -14.43 -11.97
C LEU B 250 -3.53 -14.85 -12.35
N LEU B 251 -3.67 -15.67 -13.40
CA LEU B 251 -5.01 -16.16 -13.80
C LEU B 251 -5.58 -17.03 -12.68
N CYS B 252 -4.76 -17.93 -12.12
CA CYS B 252 -5.21 -18.82 -11.02
C CYS B 252 -5.60 -17.97 -9.80
N LEU B 253 -4.80 -16.95 -9.48
CA LEU B 253 -5.09 -16.07 -8.31
C LEU B 253 -6.43 -15.37 -8.54
N MET B 254 -6.69 -14.91 -9.76
CA MET B 254 -7.96 -14.18 -10.06
C MET B 254 -9.15 -15.12 -9.88
N VAL B 255 -9.05 -16.36 -10.38
CA VAL B 255 -10.16 -17.35 -10.18
C VAL B 255 -10.36 -17.54 -8.67
N VAL B 256 -9.27 -17.69 -7.91
CA VAL B 256 -9.37 -17.91 -6.43
C VAL B 256 -10.11 -16.73 -5.80
N VAL B 257 -9.72 -15.49 -6.11
CA VAL B 257 -10.35 -14.32 -5.44
C VAL B 257 -11.81 -14.17 -5.91
N ILE B 258 -12.11 -14.55 -7.15
CA ILE B 258 -13.52 -14.51 -7.66
C ILE B 258 -14.37 -15.53 -6.88
N VAL B 259 -13.86 -16.75 -6.71
CA VAL B 259 -14.59 -17.80 -5.96
C VAL B 259 -14.76 -17.33 -4.51
N LEU B 260 -13.69 -16.77 -3.92
CA LEU B 260 -13.76 -16.27 -2.53
C LEU B 260 -14.82 -15.15 -2.43
N TYR B 261 -14.85 -14.25 -3.41
CA TYR B 261 -15.82 -13.13 -3.37
C TYR B 261 -17.24 -13.68 -3.38
N PHE B 262 -17.56 -14.58 -4.31
CA PHE B 262 -18.97 -15.06 -4.44
C PHE B 262 -19.29 -16.07 -3.34
N SER B 263 -18.32 -16.39 -2.49
CA SER B 263 -18.57 -17.31 -1.35
C SER B 263 -18.73 -16.49 -0.07
N LEU B 264 -18.54 -15.17 -0.15
CA LEU B 264 -18.59 -14.31 1.06
C LEU B 264 -19.54 -13.12 0.83
N TRP B 265 -19.74 -12.70 -0.42
CA TRP B 265 -20.53 -11.47 -0.69
C TRP B 265 -21.96 -11.53 -0.13
N LYS B 266 -22.57 -12.72 -0.05
CA LYS B 266 -24.00 -12.78 0.38
C LYS B 266 -24.13 -13.28 1.84
N GLY B 267 -23.04 -13.29 2.61
CA GLY B 267 -23.18 -13.66 4.03
C GLY B 267 -22.09 -14.61 4.50
N VAL B 268 -22.28 -15.23 5.66
CA VAL B 268 -21.23 -16.12 6.26
C VAL B 268 -21.51 -17.58 5.88
N LYS B 269 -22.75 -18.04 6.08
CA LYS B 269 -23.09 -19.47 5.79
C LYS B 269 -23.48 -19.60 4.31
N THR B 270 -23.29 -18.53 3.54
CA THR B 270 -23.62 -18.58 2.10
C THR B 270 -22.95 -19.78 1.47
N SER B 271 -21.71 -20.07 1.88
CA SER B 271 -20.95 -21.20 1.28
C SER B 271 -20.93 -22.40 2.24
N GLY B 272 -21.52 -23.54 1.82
CA GLY B 272 -21.53 -24.75 2.65
C GLY B 272 -20.97 -25.94 1.89
N LYS B 273 -21.07 -25.92 0.56
CA LYS B 273 -20.60 -27.06 -0.27
C LYS B 273 -19.11 -27.33 0.01
N VAL B 274 -18.28 -26.28 0.02
CA VAL B 274 -16.82 -26.46 0.24
C VAL B 274 -16.61 -27.08 1.62
N VAL B 275 -17.36 -26.60 2.63
CA VAL B 275 -17.24 -27.14 4.01
C VAL B 275 -17.53 -28.65 3.99
N TRP B 276 -18.58 -29.07 3.28
CA TRP B 276 -18.95 -30.50 3.21
C TRP B 276 -17.82 -31.30 2.55
N ILE B 277 -17.30 -30.81 1.42
CA ILE B 277 -16.21 -31.51 0.69
C ILE B 277 -14.99 -31.60 1.61
N THR B 278 -14.69 -30.52 2.34
CA THR B 278 -13.50 -30.49 3.22
C THR B 278 -13.84 -31.06 4.58
N ALA B 279 -14.67 -32.11 4.62
CA ALA B 279 -14.99 -32.77 5.90
C ALA B 279 -14.58 -34.23 5.84
N THR B 280 -14.65 -34.84 4.65
CA THR B 280 -14.34 -36.28 4.51
C THR B 280 -13.24 -36.45 3.49
N LEU B 281 -13.28 -35.69 2.40
CA LEU B 281 -12.27 -35.83 1.32
C LEU B 281 -10.85 -35.76 1.92
N PRO B 282 -10.49 -34.74 2.73
CA PRO B 282 -9.14 -34.66 3.25
C PRO B 282 -8.73 -35.94 3.98
N TYR B 283 -9.58 -36.44 4.86
CA TYR B 283 -9.27 -37.66 5.65
C TYR B 283 -9.08 -38.83 4.69
N PHE B 284 -10.02 -39.00 3.76
CA PHE B 284 -9.94 -40.13 2.78
C PHE B 284 -8.59 -40.10 2.08
N VAL B 285 -8.19 -38.94 1.55
CA VAL B 285 -6.93 -38.85 0.75
C VAL B 285 -5.73 -39.15 1.68
N LEU B 286 -5.72 -38.55 2.86
CA LEU B 286 -4.63 -38.81 3.84
C LEU B 286 -4.53 -40.32 4.09
N PHE B 287 -5.69 -40.98 4.23
CA PHE B 287 -5.72 -42.45 4.50
C PHE B 287 -5.11 -43.18 3.31
N VAL B 288 -5.52 -42.83 2.09
CA VAL B 288 -5.01 -43.50 0.87
C VAL B 288 -3.48 -43.29 0.82
N LEU B 289 -3.04 -42.05 1.03
CA LEU B 289 -1.59 -41.74 1.00
C LEU B 289 -0.88 -42.52 2.10
N LEU B 290 -1.44 -42.56 3.30
CA LEU B 290 -0.81 -43.26 4.45
C LEU B 290 -0.69 -44.75 4.11
N VAL B 291 -1.79 -45.38 3.66
CA VAL B 291 -1.78 -46.85 3.38
C VAL B 291 -0.78 -47.15 2.25
N HIS B 292 -0.81 -46.35 1.19
CA HIS B 292 0.11 -46.58 0.04
C HIS B 292 1.55 -46.26 0.48
N GLY B 293 1.72 -45.14 1.17
CA GLY B 293 3.06 -44.71 1.58
C GLY B 293 3.77 -45.77 2.39
N VAL B 294 3.10 -46.36 3.37
CA VAL B 294 3.79 -47.34 4.28
C VAL B 294 4.29 -48.52 3.44
N THR B 295 3.71 -48.74 2.26
CA THR B 295 4.09 -49.92 1.44
C THR B 295 5.15 -49.54 0.44
N LEU B 296 5.56 -48.27 0.42
CA LEU B 296 6.57 -47.79 -0.56
C LEU B 296 7.94 -48.38 -0.20
N PRO B 297 8.84 -48.62 -1.18
CA PRO B 297 10.12 -49.27 -0.92
C PRO B 297 10.94 -48.81 0.29
N GLY B 298 11.11 -47.51 0.51
CA GLY B 298 11.98 -47.03 1.61
C GLY B 298 11.20 -46.29 2.69
N ALA B 299 9.89 -46.52 2.78
CA ALA B 299 9.03 -45.78 3.75
C ALA B 299 9.47 -46.08 5.18
N SER B 300 9.94 -47.30 5.45
CA SER B 300 10.34 -47.70 6.82
C SER B 300 11.37 -46.72 7.38
N ASN B 301 12.37 -46.36 6.61
CA ASN B 301 13.42 -45.46 7.07
C ASN B 301 12.81 -44.14 7.48
N GLY B 302 11.84 -43.67 6.71
CA GLY B 302 11.14 -42.45 7.07
C GLY B 302 10.35 -42.59 8.35
N ILE B 303 9.72 -43.73 8.54
CA ILE B 303 8.96 -43.99 9.76
C ILE B 303 9.90 -43.97 10.95
N ASN B 304 11.07 -44.57 10.80
CA ASN B 304 12.04 -44.58 11.89
C ASN B 304 12.47 -43.17 12.25
N ALA B 305 12.68 -42.32 11.25
CA ALA B 305 13.05 -40.94 11.51
C ALA B 305 11.95 -40.19 12.24
N TYR B 306 10.70 -40.43 11.84
CA TYR B 306 9.58 -39.77 12.48
C TYR B 306 9.47 -40.18 13.94
N LEU B 307 9.63 -41.48 14.20
CA LEU B 307 9.58 -41.98 15.58
C LEU B 307 10.74 -41.52 16.47
N HIS B 308 11.94 -41.46 15.93
CA HIS B 308 13.11 -41.04 16.72
C HIS B 308 13.00 -39.62 17.21
N ILE B 309 13.44 -39.36 18.42
CA ILE B 309 13.38 -38.02 18.99
C ILE B 309 14.77 -37.43 19.14
N ASP B 310 14.98 -36.24 18.60
CA ASP B 310 16.26 -35.59 18.74
C ASP B 310 16.19 -34.70 19.94
N PHE B 311 16.78 -35.13 21.05
CA PHE B 311 16.75 -34.36 22.28
C PHE B 311 17.49 -33.04 22.19
N TYR B 312 18.58 -33.00 21.43
CA TYR B 312 19.33 -31.77 21.26
C TYR B 312 18.47 -30.70 20.63
N ARG B 313 17.60 -31.09 19.70
CA ARG B 313 16.69 -30.13 19.08
C ARG B 313 15.74 -29.55 20.12
N LEU B 314 15.31 -30.37 21.07
CA LEU B 314 14.44 -29.88 22.14
C LEU B 314 15.13 -28.79 22.96
N LYS B 315 16.43 -28.94 23.18
CA LYS B 315 17.18 -27.91 23.89
C LYS B 315 17.13 -26.61 23.12
N GLU B 316 17.20 -26.68 21.79
CA GLU B 316 17.09 -25.49 20.96
C GLU B 316 15.69 -24.91 21.02
N ALA B 317 15.56 -23.61 20.81
CA ALA B 317 14.27 -22.94 20.96
C ALA B 317 13.39 -22.87 19.72
N THR B 318 13.96 -23.05 18.55
CA THR B 318 13.25 -22.97 17.26
C THR B 318 12.06 -23.92 17.23
N VAL B 319 12.26 -25.17 17.65
CA VAL B 319 11.17 -26.17 17.59
C VAL B 319 9.99 -25.66 18.43
N TRP B 320 10.28 -25.07 19.59
CA TRP B 320 9.20 -24.59 20.49
C TRP B 320 8.41 -23.45 19.85
N ILE B 321 9.12 -22.47 19.26
CA ILE B 321 8.44 -21.34 18.58
C ILE B 321 7.62 -21.88 17.41
N ASP B 322 8.21 -22.77 16.61
CA ASP B 322 7.52 -23.34 15.42
C ASP B 322 6.27 -24.11 15.88
N ALA B 323 6.42 -24.93 16.93
CA ALA B 323 5.27 -25.72 17.44
C ALA B 323 4.15 -24.81 17.92
N ALA B 324 4.50 -23.76 18.67
CA ALA B 324 3.47 -22.86 19.25
C ALA B 324 2.69 -22.16 18.13
N THR B 325 3.39 -21.59 17.16
CA THR B 325 2.71 -20.85 16.06
C THR B 325 1.87 -21.82 15.26
N GLN B 326 2.38 -23.03 15.01
CA GLN B 326 1.62 -24.05 14.24
C GLN B 326 0.33 -24.39 15.00
N ILE B 327 0.40 -24.47 16.32
CA ILE B 327 -0.81 -24.78 17.15
C ILE B 327 -1.89 -23.73 16.85
N PHE B 328 -1.52 -22.45 16.85
CA PHE B 328 -2.52 -21.37 16.64
C PHE B 328 -2.95 -21.34 15.17
N PHE B 329 -2.05 -21.72 14.25
CA PHE B 329 -2.42 -21.82 12.81
C PHE B 329 -3.34 -23.01 12.63
N SER B 330 -2.95 -24.16 13.19
CA SER B 330 -3.75 -25.40 13.01
C SER B 330 -5.11 -25.28 13.70
N LEU B 331 -5.20 -24.52 14.79
CA LEU B 331 -6.48 -24.42 15.56
C LEU B 331 -7.26 -23.17 15.14
N GLY B 332 -6.58 -22.13 14.68
CA GLY B 332 -7.26 -20.91 14.20
C GLY B 332 -7.33 -19.83 15.27
N ALA B 333 -6.70 -20.08 16.42
CA ALA B 333 -6.69 -19.09 17.53
C ALA B 333 -5.69 -17.98 17.22
N GLY B 334 -6.11 -16.72 17.35
CA GLY B 334 -5.19 -15.59 17.15
C GLY B 334 -5.33 -14.97 15.78
N PHE B 335 -6.35 -15.37 15.01
CA PHE B 335 -6.60 -14.76 13.69
C PHE B 335 -7.97 -14.10 13.72
N GLY B 336 -8.70 -14.30 14.81
CA GLY B 336 -10.06 -13.72 14.95
C GLY B 336 -11.09 -14.63 14.34
N VAL B 337 -10.67 -15.76 13.79
CA VAL B 337 -11.61 -16.70 13.10
C VAL B 337 -12.51 -17.39 14.14
N LEU B 338 -11.92 -17.94 15.21
CA LEU B 338 -12.71 -18.70 16.21
C LEU B 338 -13.77 -17.80 16.84
N ILE B 339 -13.41 -16.57 17.21
CA ILE B 339 -14.36 -15.66 17.90
C ILE B 339 -15.48 -15.28 16.91
N ALA B 340 -15.10 -14.88 15.70
CA ALA B 340 -16.10 -14.50 14.67
C ALA B 340 -17.02 -15.68 14.38
N PHE B 341 -16.45 -16.87 14.24
CA PHE B 341 -17.25 -18.09 13.92
C PHE B 341 -18.20 -18.38 15.09
N ALA B 342 -17.69 -18.28 16.31
CA ALA B 342 -18.50 -18.60 17.51
C ALA B 342 -19.55 -17.51 17.76
N SER B 343 -19.38 -16.35 17.14
CA SER B 343 -20.38 -15.25 17.28
C SER B 343 -21.71 -15.70 16.67
N TYR B 344 -21.68 -16.71 15.81
CA TYR B 344 -22.91 -17.22 15.15
C TYR B 344 -23.26 -18.61 15.71
N ASN B 345 -22.62 -19.03 16.79
CA ASN B 345 -23.00 -20.32 17.42
C ASN B 345 -24.21 -20.07 18.33
N LYS B 346 -24.96 -21.10 18.69
CA LYS B 346 -26.07 -20.89 19.67
C LYS B 346 -25.44 -20.67 21.06
N PHE B 347 -26.12 -19.92 21.94
CA PHE B 347 -25.55 -19.59 23.27
C PHE B 347 -25.28 -20.87 24.08
N ASP B 348 -26.03 -21.94 23.81
CA ASP B 348 -25.89 -23.18 24.61
C ASP B 348 -24.82 -24.10 24.03
N ASN B 349 -24.22 -23.75 22.88
CA ASN B 349 -23.23 -24.65 22.22
C ASN B 349 -22.13 -25.01 23.23
N ASN B 350 -21.74 -26.28 23.26
CA ASN B 350 -20.70 -26.73 24.18
C ASN B 350 -19.32 -26.47 23.60
N CYS B 351 -18.70 -25.36 23.97
CA CYS B 351 -17.36 -25.05 23.52
C CYS B 351 -16.36 -26.07 24.03
N TYR B 352 -16.56 -26.55 25.25
CA TYR B 352 -15.65 -27.52 25.83
C TYR B 352 -15.59 -28.80 25.02
N ARG B 353 -16.75 -29.31 24.60
CA ARG B 353 -16.75 -30.49 23.76
C ARG B 353 -16.07 -30.20 22.44
N ASP B 354 -16.35 -29.04 21.86
CA ASP B 354 -15.75 -28.67 20.59
C ASP B 354 -14.26 -28.48 20.72
N ALA B 355 -13.81 -27.84 21.79
CA ALA B 355 -12.36 -27.65 22.03
C ALA B 355 -11.69 -29.02 22.14
N LEU B 356 -12.21 -29.89 23.00
CA LEU B 356 -11.60 -31.23 23.20
C LEU B 356 -11.60 -31.98 21.86
N LEU B 357 -12.74 -32.02 21.18
CA LEU B 357 -12.84 -32.81 19.92
C LEU B 357 -11.88 -32.24 18.87
N THR B 358 -11.98 -30.94 18.58
CA THR B 358 -11.14 -30.36 17.51
C THR B 358 -9.69 -30.58 17.85
N SER B 359 -9.30 -30.31 19.10
CA SER B 359 -7.88 -30.43 19.51
C SER B 359 -7.41 -31.90 19.38
N SER B 360 -8.26 -32.83 19.82
CA SER B 360 -7.89 -34.27 19.76
C SER B 360 -7.69 -34.70 18.29
N ILE B 361 -8.63 -34.32 17.41
CA ILE B 361 -8.51 -34.71 15.97
C ILE B 361 -7.29 -34.00 15.36
N ASN B 362 -7.10 -32.73 15.69
CA ASN B 362 -5.94 -31.95 15.15
C ASN B 362 -4.64 -32.68 15.53
N CYS B 363 -4.55 -33.18 16.76
CA CYS B 363 -3.35 -33.91 17.22
C CYS B 363 -3.19 -35.19 16.39
N ILE B 364 -4.28 -35.91 16.15
CA ILE B 364 -4.23 -37.18 15.37
C ILE B 364 -3.92 -36.86 13.91
N THR B 365 -4.63 -35.89 13.33
CA THR B 365 -4.42 -35.53 11.91
C THR B 365 -2.97 -35.14 11.72
N SER B 366 -2.45 -34.30 12.62
CA SER B 366 -1.05 -33.82 12.50
C SER B 366 -0.10 -35.02 12.57
N PHE B 367 -0.32 -35.93 13.52
CA PHE B 367 0.57 -37.11 13.68
C PHE B 367 0.52 -37.96 12.42
N VAL B 368 -0.68 -38.28 11.93
CA VAL B 368 -0.80 -39.17 10.74
C VAL B 368 -0.27 -38.43 9.51
N SER B 369 -0.46 -37.11 9.46
CA SER B 369 0.07 -36.30 8.34
C SER B 369 1.59 -36.48 8.28
N GLY B 370 2.26 -36.33 9.43
CA GLY B 370 3.73 -36.49 9.47
C GLY B 370 4.15 -37.90 9.12
N PHE B 371 3.36 -38.88 9.54
CA PHE B 371 3.70 -40.31 9.25
C PHE B 371 3.67 -40.52 7.75
N ALA B 372 2.61 -40.04 7.09
CA ALA B 372 2.52 -40.16 5.62
C ALA B 372 3.66 -39.39 4.96
N ILE B 373 3.89 -38.15 5.38
CA ILE B 373 4.95 -37.30 4.76
C ILE B 373 6.31 -37.98 4.92
N PHE B 374 6.62 -38.51 6.10
CA PHE B 374 7.94 -39.12 6.36
C PHE B 374 8.06 -40.44 5.61
N SER B 375 6.94 -41.14 5.42
CA SER B 375 6.97 -42.39 4.60
C SER B 375 7.31 -42.02 3.16
N ILE B 376 6.72 -40.95 2.62
CA ILE B 376 7.04 -40.50 1.24
C ILE B 376 8.49 -39.98 1.22
N LEU B 377 8.89 -39.23 2.26
CA LEU B 377 10.29 -38.74 2.35
C LEU B 377 11.25 -39.94 2.36
N GLY B 378 10.88 -41.01 3.06
CA GLY B 378 11.72 -42.22 3.11
C GLY B 378 11.85 -42.85 1.74
N TYR B 379 10.73 -43.00 1.03
CA TYR B 379 10.74 -43.57 -0.34
C TYR B 379 11.54 -42.66 -1.26
N MET B 380 11.28 -41.36 -1.18
CA MET B 380 11.99 -40.40 -2.08
C MET B 380 13.50 -40.49 -1.82
N ALA B 381 13.91 -40.55 -0.56
CA ALA B 381 15.35 -40.67 -0.24
C ALA B 381 15.89 -41.97 -0.83
N HIS B 382 15.09 -43.03 -0.80
CA HIS B 382 15.52 -44.33 -1.37
C HIS B 382 15.63 -44.21 -2.89
N GLU B 383 14.59 -43.68 -3.53
CA GLU B 383 14.57 -43.56 -5.01
C GLU B 383 15.63 -42.56 -5.50
N HIS B 384 15.85 -41.48 -4.74
CA HIS B 384 16.80 -40.42 -5.19
C HIS B 384 18.21 -40.72 -4.67
N LYS B 385 18.36 -41.78 -3.88
CA LYS B 385 19.69 -42.16 -3.31
C LYS B 385 20.25 -40.96 -2.53
N VAL B 386 19.40 -40.24 -1.80
CA VAL B 386 19.84 -39.09 -0.97
C VAL B 386 19.43 -39.38 0.49
N ASN B 387 19.90 -38.59 1.45
CA ASN B 387 19.45 -38.76 2.87
C ASN B 387 18.12 -38.05 3.05
N ILE B 388 17.26 -38.55 3.95
CA ILE B 388 15.90 -37.97 4.12
C ILE B 388 16.02 -36.47 4.41
N GLU B 389 17.04 -36.07 5.17
CA GLU B 389 17.20 -34.63 5.56
C GLU B 389 17.47 -33.77 4.32
N ASP B 390 18.11 -34.35 3.30
CA ASP B 390 18.50 -33.55 2.11
C ASP B 390 17.65 -33.90 0.89
N VAL B 391 16.64 -34.77 1.04
CA VAL B 391 15.88 -35.23 -0.16
C VAL B 391 14.87 -34.16 -0.62
N ALA B 392 14.36 -33.33 0.31
CA ALA B 392 13.31 -32.37 -0.10
C ALA B 392 13.52 -31.00 0.52
N THR B 393 12.73 -30.02 0.09
CA THR B 393 12.81 -28.65 0.65
C THR B 393 12.11 -28.62 1.98
N GLU B 394 12.45 -27.63 2.83
CA GLU B 394 11.76 -27.48 4.13
C GLU B 394 10.91 -26.20 4.09
N GLY B 395 10.47 -25.80 2.89
CA GLY B 395 9.67 -24.56 2.73
C GLY B 395 8.20 -24.84 2.52
N ALA B 396 7.45 -23.85 2.03
CA ALA B 396 5.98 -23.98 1.88
C ALA B 396 5.59 -24.81 0.65
N GLY B 397 6.56 -25.34 -0.09
CA GLY B 397 6.24 -26.11 -1.32
C GLY B 397 6.58 -27.57 -1.18
N LEU B 398 6.68 -28.07 0.05
CA LEU B 398 7.06 -29.50 0.27
C LEU B 398 5.93 -30.42 -0.19
N VAL B 399 4.67 -30.06 0.11
CA VAL B 399 3.51 -30.92 -0.25
C VAL B 399 3.29 -30.92 -1.77
N PHE B 400 3.79 -29.89 -2.47
CA PHE B 400 3.63 -29.78 -3.94
C PHE B 400 4.75 -30.57 -4.60
N ILE B 401 5.55 -31.27 -3.78
CA ILE B 401 6.62 -32.14 -4.32
C ILE B 401 6.38 -33.57 -3.81
N LEU B 402 6.16 -33.72 -2.51
CA LEU B 402 6.00 -35.07 -1.89
C LEU B 402 4.72 -35.75 -2.40
N TYR B 403 3.58 -35.07 -2.30
CA TYR B 403 2.28 -35.69 -2.70
C TYR B 403 2.32 -36.02 -4.20
N PRO B 404 2.73 -35.11 -5.10
CA PRO B 404 2.87 -35.46 -6.51
C PRO B 404 3.74 -36.70 -6.69
N GLU B 405 4.86 -36.79 -5.97
CA GLU B 405 5.74 -37.98 -6.05
C GLU B 405 4.96 -39.25 -5.65
N ALA B 406 4.14 -39.17 -4.61
CA ALA B 406 3.37 -40.34 -4.12
C ALA B 406 2.25 -40.69 -5.10
N ILE B 407 1.51 -39.69 -5.58
CA ILE B 407 0.39 -39.92 -6.55
C ILE B 407 0.95 -40.72 -7.74
N SER B 408 2.15 -40.39 -8.21
CA SER B 408 2.73 -41.06 -9.39
C SER B 408 2.80 -42.57 -9.16
N THR B 409 3.15 -43.00 -7.94
CA THR B 409 3.27 -44.44 -7.62
C THR B 409 1.90 -45.08 -7.59
N LEU B 410 0.88 -44.32 -7.17
CA LEU B 410 -0.51 -44.84 -7.13
C LEU B 410 -0.95 -45.19 -8.56
N SER B 411 -1.49 -46.39 -8.78
CA SER B 411 -2.04 -46.73 -10.12
C SER B 411 -3.22 -45.78 -10.42
N GLY B 412 -3.44 -45.43 -11.69
CA GLY B 412 -4.47 -44.43 -11.99
C GLY B 412 -4.07 -43.10 -11.38
N SER B 413 -2.83 -42.68 -11.62
CA SER B 413 -2.29 -41.43 -11.02
C SER B 413 -3.12 -40.21 -11.43
N THR B 414 -3.55 -40.14 -12.68
CA THR B 414 -4.30 -38.96 -13.17
C THR B 414 -5.50 -38.74 -12.29
N PHE B 415 -6.25 -39.82 -12.00
CA PHE B 415 -7.45 -39.71 -11.12
C PHE B 415 -7.04 -39.18 -9.76
N TRP B 416 -6.01 -39.79 -9.15
CA TRP B 416 -5.60 -39.40 -7.77
C TRP B 416 -5.07 -37.97 -7.77
N ALA B 417 -4.37 -37.57 -8.84
CA ALA B 417 -3.83 -36.20 -8.93
C ALA B 417 -4.99 -35.20 -8.86
N VAL B 418 -6.04 -35.46 -9.65
CA VAL B 418 -7.22 -34.54 -9.67
C VAL B 418 -7.88 -34.55 -8.28
N VAL B 419 -8.16 -35.73 -7.74
CA VAL B 419 -8.84 -35.84 -6.43
C VAL B 419 -8.00 -35.10 -5.37
N PHE B 420 -6.68 -35.31 -5.37
CA PHE B 420 -5.82 -34.70 -4.32
C PHE B 420 -5.83 -33.18 -4.43
N PHE B 421 -5.66 -32.64 -5.65
CA PHE B 421 -5.57 -31.16 -5.79
C PHE B 421 -6.96 -30.55 -5.63
N VAL B 422 -8.01 -31.32 -5.89
CA VAL B 422 -9.39 -30.81 -5.61
C VAL B 422 -9.51 -30.66 -4.09
N MET B 423 -8.99 -31.63 -3.33
CA MET B 423 -9.02 -31.55 -1.85
C MET B 423 -8.19 -30.33 -1.38
N LEU B 424 -6.98 -30.17 -1.92
CA LEU B 424 -6.12 -29.02 -1.53
C LEU B 424 -6.85 -27.71 -1.86
N LEU B 425 -7.41 -27.61 -3.07
CA LEU B 425 -8.15 -26.39 -3.48
C LEU B 425 -9.29 -26.15 -2.47
N ALA B 426 -10.10 -27.18 -2.22
CA ALA B 426 -11.24 -27.05 -1.30
C ALA B 426 -10.74 -26.63 0.09
N LEU B 427 -9.77 -27.36 0.65
CA LEU B 427 -9.25 -27.05 2.00
C LEU B 427 -8.77 -25.59 2.06
N GLY B 428 -8.00 -25.16 1.06
CA GLY B 428 -7.49 -23.78 1.03
C GLY B 428 -8.62 -22.78 0.99
N LEU B 429 -9.68 -23.06 0.22
CA LEU B 429 -10.79 -22.08 0.06
C LEU B 429 -11.44 -21.79 1.42
N ASP B 430 -11.82 -22.83 2.17
CA ASP B 430 -12.42 -22.63 3.51
C ASP B 430 -11.43 -21.88 4.40
N SER B 431 -10.16 -22.30 4.40
CA SER B 431 -9.13 -21.61 5.21
C SER B 431 -9.14 -20.11 4.89
N SER B 432 -9.10 -19.75 3.60
CA SER B 432 -9.10 -18.32 3.19
C SER B 432 -10.45 -17.68 3.53
N MET B 433 -11.55 -18.42 3.33
CA MET B 433 -12.90 -17.90 3.65
C MET B 433 -12.97 -17.52 5.13
N GLY B 434 -12.50 -18.41 6.03
CA GLY B 434 -12.56 -18.15 7.48
C GLY B 434 -11.73 -16.93 7.84
N GLY B 435 -10.53 -16.81 7.29
CA GLY B 435 -9.66 -15.65 7.57
C GLY B 435 -10.31 -14.36 7.11
N MET B 436 -10.86 -14.35 5.89
CA MET B 436 -11.49 -13.13 5.34
C MET B 436 -12.78 -12.83 6.12
N GLU B 437 -13.51 -13.86 6.54
CA GLU B 437 -14.73 -13.65 7.36
C GLU B 437 -14.33 -12.95 8.66
N ALA B 438 -13.21 -13.36 9.26
CA ALA B 438 -12.73 -12.71 10.50
C ALA B 438 -12.50 -11.22 10.25
N VAL B 439 -11.82 -10.89 9.15
CA VAL B 439 -11.58 -9.46 8.79
C VAL B 439 -12.93 -8.77 8.54
N ILE B 440 -13.80 -9.37 7.73
CA ILE B 440 -15.10 -8.73 7.37
C ILE B 440 -15.99 -8.64 8.63
N THR B 441 -16.13 -9.73 9.39
CA THR B 441 -16.99 -9.73 10.58
C THR B 441 -16.42 -8.78 11.61
N GLY B 442 -15.11 -8.83 11.84
CA GLY B 442 -14.47 -7.96 12.84
C GLY B 442 -14.76 -6.50 12.52
N LEU B 443 -14.55 -6.09 11.27
CA LEU B 443 -14.73 -4.66 10.90
C LEU B 443 -16.23 -4.30 10.83
N ALA B 444 -17.09 -5.23 10.38
CA ALA B 444 -18.53 -4.95 10.24
C ALA B 444 -19.18 -4.82 11.62
N ASP B 445 -18.73 -5.62 12.59
CA ASP B 445 -19.25 -5.49 13.98
C ASP B 445 -18.80 -4.14 14.54
N ASP B 446 -17.57 -3.72 14.21
CA ASP B 446 -17.06 -2.39 14.65
C ASP B 446 -17.84 -1.28 13.96
N PHE B 447 -17.98 -1.37 12.63
CA PHE B 447 -18.71 -0.33 11.84
C PHE B 447 -19.93 -0.97 11.21
N GLN B 448 -21.12 -0.68 11.77
CA GLN B 448 -22.39 -1.28 11.27
C GLN B 448 -22.64 -0.86 9.82
N VAL B 449 -22.04 0.23 9.36
CA VAL B 449 -22.18 0.65 7.93
C VAL B 449 -21.64 -0.47 7.04
N LEU B 450 -20.53 -1.11 7.43
CA LEU B 450 -19.92 -2.18 6.61
C LEU B 450 -20.82 -3.42 6.62
N LYS B 451 -21.72 -3.52 7.59
CA LYS B 451 -22.68 -4.66 7.64
C LYS B 451 -23.71 -4.50 6.52
N ARG B 452 -24.05 -3.25 6.17
CA ARG B 452 -25.10 -3.00 5.15
C ARG B 452 -24.47 -2.98 3.75
N HIS B 453 -23.14 -2.98 3.67
CA HIS B 453 -22.49 -2.89 2.38
C HIS B 453 -21.53 -4.03 2.24
N ARG B 454 -22.02 -5.23 2.51
CA ARG B 454 -21.16 -6.40 2.47
C ARG B 454 -20.59 -6.71 1.09
N LYS B 455 -21.39 -6.64 0.04
CA LYS B 455 -20.90 -6.99 -1.29
C LYS B 455 -19.80 -6.03 -1.69
N LEU B 456 -19.96 -4.76 -1.37
CA LEU B 456 -18.93 -3.74 -1.67
C LEU B 456 -17.72 -3.92 -0.74
N PHE B 457 -17.95 -4.15 0.55
CA PHE B 457 -16.85 -4.34 1.53
C PHE B 457 -16.06 -5.61 1.17
N THR B 458 -16.76 -6.72 0.92
CA THR B 458 -16.09 -7.97 0.53
C THR B 458 -15.18 -7.69 -0.64
N PHE B 459 -15.67 -6.95 -1.64
CA PHE B 459 -14.84 -6.60 -2.82
C PHE B 459 -13.53 -5.96 -2.34
N GLY B 460 -13.63 -4.95 -1.47
CA GLY B 460 -12.43 -4.26 -0.99
C GLY B 460 -11.46 -5.23 -0.34
N VAL B 461 -11.96 -6.09 0.56
CA VAL B 461 -11.10 -7.08 1.25
C VAL B 461 -10.47 -8.03 0.21
N THR B 462 -11.29 -8.62 -0.67
CA THR B 462 -10.78 -9.58 -1.67
C THR B 462 -9.83 -8.89 -2.62
N PHE B 463 -10.17 -7.69 -3.09
CA PHE B 463 -9.32 -6.99 -4.10
C PHE B 463 -7.97 -6.63 -3.47
N SER B 464 -7.99 -6.09 -2.25
CA SER B 464 -6.74 -5.72 -1.55
C SER B 464 -5.87 -6.98 -1.39
N THR B 465 -6.49 -8.09 -0.99
CA THR B 465 -5.73 -9.35 -0.81
C THR B 465 -5.14 -9.76 -2.14
N PHE B 466 -5.90 -9.67 -3.22
CA PHE B 466 -5.41 -10.05 -4.57
C PHE B 466 -4.20 -9.20 -4.95
N LEU B 467 -4.29 -7.89 -4.74
CA LEU B 467 -3.18 -6.98 -5.13
C LEU B 467 -1.92 -7.30 -4.32
N LEU B 468 -2.06 -7.49 -3.02
CA LEU B 468 -0.88 -7.78 -2.16
C LEU B 468 -0.43 -9.23 -2.35
N ALA B 469 -1.33 -10.10 -2.82
CA ALA B 469 -0.94 -11.50 -3.15
C ALA B 469 -0.16 -11.47 -4.47
N LEU B 470 -0.25 -10.39 -5.23
CA LEU B 470 0.51 -10.26 -6.51
C LEU B 470 2.01 -10.30 -6.23
N PHE B 471 2.43 -9.97 -5.01
CA PHE B 471 3.86 -9.98 -4.63
C PHE B 471 4.37 -11.41 -4.50
N CYS B 472 3.48 -12.34 -4.15
CA CYS B 472 3.88 -13.76 -3.93
C CYS B 472 3.68 -14.59 -5.20
N ILE B 473 3.02 -14.04 -6.22
CA ILE B 473 2.85 -14.79 -7.51
C ILE B 473 3.96 -14.32 -8.46
N THR B 474 4.87 -13.50 -7.96
CA THR B 474 6.00 -13.01 -8.77
C THR B 474 7.02 -14.12 -8.89
N LYS B 475 8.03 -13.96 -9.75
CA LYS B 475 9.06 -15.00 -9.96
C LYS B 475 9.81 -15.26 -8.64
N GLY B 476 9.83 -14.27 -7.73
CA GLY B 476 10.46 -14.45 -6.41
C GLY B 476 9.43 -14.32 -5.31
N GLY B 477 8.21 -14.80 -5.54
CA GLY B 477 7.13 -14.71 -4.54
C GLY B 477 7.29 -15.70 -3.42
N ILE B 478 8.04 -16.79 -3.64
CA ILE B 478 8.31 -17.78 -2.56
C ILE B 478 9.12 -17.08 -1.46
N TYR B 479 10.03 -16.17 -1.83
CA TYR B 479 10.86 -15.42 -0.85
C TYR B 479 9.94 -14.50 -0.06
N VAL B 480 9.02 -13.84 -0.74
CA VAL B 480 8.05 -12.94 -0.05
C VAL B 480 7.13 -13.80 0.83
N LEU B 481 6.75 -14.98 0.37
CA LEU B 481 5.88 -15.86 1.13
C LEU B 481 6.58 -16.44 2.33
N THR B 482 7.86 -16.78 2.17
CA THR B 482 8.66 -17.26 3.32
C THR B 482 8.71 -16.16 4.35
N LEU B 483 8.95 -14.93 3.93
CA LEU B 483 9.00 -13.77 4.85
C LEU B 483 7.64 -13.62 5.56
N LEU B 484 6.55 -13.64 4.80
CA LEU B 484 5.20 -13.46 5.37
C LEU B 484 4.87 -14.65 6.30
N ASP B 485 5.22 -15.87 5.89
CA ASP B 485 4.86 -17.06 6.71
C ASP B 485 5.64 -17.02 8.03
N THR B 486 6.76 -16.31 8.07
CA THR B 486 7.60 -16.27 9.28
C THR B 486 7.25 -15.09 10.16
N PHE B 487 6.80 -13.97 9.58
CA PHE B 487 6.60 -12.76 10.41
C PHE B 487 5.14 -12.32 10.51
N ALA B 488 4.29 -12.67 9.54
CA ALA B 488 2.90 -12.19 9.56
C ALA B 488 2.19 -12.74 10.80
N ALA B 489 2.46 -14.01 11.14
CA ALA B 489 1.83 -14.63 12.33
C ALA B 489 2.86 -15.49 13.07
N GLY B 490 3.86 -14.85 13.68
CA GLY B 490 4.85 -15.61 14.47
C GLY B 490 4.87 -15.08 15.89
N THR B 491 5.78 -14.15 16.19
CA THR B 491 5.80 -13.51 17.52
C THR B 491 4.53 -12.70 17.67
N SER B 492 4.04 -12.12 16.57
CA SER B 492 2.82 -11.28 16.59
C SER B 492 1.61 -12.07 17.10
N ILE B 493 1.41 -13.28 16.56
CA ILE B 493 0.21 -14.08 16.95
C ILE B 493 0.38 -14.58 18.40
N LEU B 494 1.61 -14.93 18.79
CA LEU B 494 1.89 -15.39 20.17
C LEU B 494 1.63 -14.22 21.12
N PHE B 495 2.03 -13.01 20.72
CA PHE B 495 1.81 -11.80 21.57
C PHE B 495 0.32 -11.51 21.65
N ALA B 496 -0.40 -11.63 20.54
CA ALA B 496 -1.85 -11.33 20.51
C ALA B 496 -2.61 -12.32 21.40
N VAL B 497 -2.29 -13.61 21.30
CA VAL B 497 -3.00 -14.63 22.12
C VAL B 497 -2.59 -14.45 23.59
N LEU B 498 -1.36 -13.99 23.83
CA LEU B 498 -0.90 -13.70 25.21
C LEU B 498 -1.72 -12.52 25.75
N MET B 499 -1.87 -11.47 24.95
CA MET B 499 -2.62 -10.26 25.39
C MET B 499 -4.10 -10.63 25.64
N GLU B 500 -4.67 -11.47 24.79
CA GLU B 500 -6.09 -11.90 24.95
C GLU B 500 -6.23 -12.69 26.26
N ALA B 501 -5.32 -13.63 26.52
CA ALA B 501 -5.35 -14.43 27.76
C ALA B 501 -5.20 -13.50 28.97
N ILE B 502 -4.22 -12.60 28.93
CA ILE B 502 -3.99 -11.61 30.03
C ILE B 502 -5.25 -10.73 30.18
N GLY B 503 -5.82 -10.28 29.06
CA GLY B 503 -6.97 -9.36 29.10
C GLY B 503 -8.20 -10.01 29.72
N VAL B 504 -8.42 -11.29 29.46
CA VAL B 504 -9.66 -11.97 29.96
C VAL B 504 -9.42 -12.59 31.34
N SER B 505 -8.21 -13.08 31.61
CA SER B 505 -7.95 -13.80 32.89
C SER B 505 -7.58 -12.84 34.02
N TRP B 506 -6.92 -11.73 33.70
CA TRP B 506 -6.43 -10.82 34.76
C TRP B 506 -7.28 -9.56 34.84
N PHE B 507 -7.45 -8.86 33.72
CA PHE B 507 -8.17 -7.56 33.73
C PHE B 507 -9.68 -7.79 33.87
N TYR B 508 -10.20 -8.75 33.11
CA TYR B 508 -11.67 -9.06 33.17
C TYR B 508 -11.92 -10.00 34.34
N GLY B 509 -11.15 -11.09 34.41
CA GLY B 509 -11.28 -12.05 35.54
C GLY B 509 -11.64 -13.44 35.06
N VAL B 510 -10.79 -14.42 35.35
CA VAL B 510 -11.08 -15.85 34.99
C VAL B 510 -12.36 -16.27 35.73
N ASP B 511 -12.59 -15.75 36.94
CA ASP B 511 -13.81 -16.08 37.71
C ASP B 511 -15.04 -15.59 36.93
N ARG B 512 -15.02 -14.34 36.46
CA ARG B 512 -16.14 -13.80 35.66
C ARG B 512 -16.28 -14.63 34.38
N PHE B 513 -15.16 -14.95 33.73
CA PHE B 513 -15.19 -15.74 32.47
C PHE B 513 -15.85 -17.09 32.74
N SER B 514 -15.50 -17.71 33.88
CA SER B 514 -16.05 -19.03 34.23
C SER B 514 -17.56 -18.91 34.49
N ASN B 515 -18.00 -17.83 35.14
CA ASN B 515 -19.46 -17.61 35.36
C ASN B 515 -20.15 -17.44 34.01
N ASP B 516 -19.48 -16.80 33.05
CA ASP B 516 -20.04 -16.62 31.68
C ASP B 516 -20.26 -17.99 31.05
N ILE B 517 -19.27 -18.88 31.15
CA ILE B 517 -19.39 -20.26 30.57
C ILE B 517 -20.43 -21.05 31.37
N GLN B 518 -20.50 -20.83 32.69
CA GLN B 518 -21.52 -21.51 33.52
C GLN B 518 -22.91 -21.08 33.03
N GLN B 519 -23.07 -19.82 32.62
CA GLN B 519 -24.36 -19.34 32.09
C GLN B 519 -24.61 -19.97 30.71
N MET B 520 -23.57 -20.04 29.86
CA MET B 520 -23.74 -20.56 28.48
C MET B 520 -23.87 -22.09 28.48
N MET B 521 -22.90 -22.80 29.07
CA MET B 521 -22.89 -24.29 28.95
C MET B 521 -23.39 -24.98 30.24
N GLY B 522 -23.76 -24.22 31.27
CA GLY B 522 -24.38 -24.84 32.46
C GLY B 522 -23.39 -25.44 33.44
N PHE B 523 -22.10 -25.16 33.27
CA PHE B 523 -21.09 -25.65 34.25
C PHE B 523 -19.91 -24.69 34.30
N ARG B 524 -19.32 -24.51 35.47
CA ARG B 524 -18.11 -23.64 35.58
C ARG B 524 -16.89 -24.46 35.14
N PRO B 525 -16.01 -23.92 34.27
CA PRO B 525 -14.81 -24.64 33.85
C PRO B 525 -14.01 -25.12 35.04
N GLY B 526 -13.32 -26.26 34.90
CA GLY B 526 -12.54 -26.84 36.01
C GLY B 526 -11.30 -26.03 36.33
N LEU B 527 -10.67 -26.31 37.47
CA LEU B 527 -9.47 -25.56 37.91
C LEU B 527 -8.37 -25.67 36.84
N TYR B 528 -8.25 -26.82 36.19
CA TYR B 528 -7.23 -27.00 35.12
C TYR B 528 -7.37 -25.87 34.10
N TRP B 529 -8.60 -25.64 33.62
CA TRP B 529 -8.82 -24.59 32.59
C TRP B 529 -8.53 -23.22 33.18
N ARG B 530 -9.02 -22.97 34.40
CA ARG B 530 -8.83 -21.64 35.04
C ARG B 530 -7.33 -21.40 35.27
N LEU B 531 -6.60 -22.41 35.74
CA LEU B 531 -5.15 -22.26 36.00
C LEU B 531 -4.43 -22.02 34.67
N CYS B 532 -4.80 -22.78 33.63
CA CYS B 532 -4.16 -22.60 32.30
C CYS B 532 -4.46 -21.19 31.78
N TRP B 533 -5.72 -20.76 31.85
CA TRP B 533 -6.10 -19.43 31.30
C TRP B 533 -5.37 -18.30 32.02
N LYS B 534 -5.11 -18.44 33.32
CA LYS B 534 -4.51 -17.30 34.07
C LYS B 534 -2.98 -17.43 34.23
N PHE B 535 -2.45 -18.65 34.37
CA PHE B 535 -1.00 -18.78 34.65
C PHE B 535 -0.28 -19.62 33.59
N VAL B 536 -0.67 -20.89 33.41
CA VAL B 536 0.08 -21.79 32.48
C VAL B 536 0.10 -21.18 31.05
N SER B 537 -1.07 -20.91 30.48
CA SER B 537 -1.11 -20.40 29.07
C SER B 537 -0.25 -19.14 28.96
N PRO B 538 -0.50 -18.07 29.74
CA PRO B 538 0.28 -16.84 29.58
C PRO B 538 1.76 -17.06 29.79
N ALA B 539 2.14 -17.84 30.80
CA ALA B 539 3.57 -18.03 31.11
C ALA B 539 4.29 -18.66 29.91
N PHE B 540 3.72 -19.73 29.36
CA PHE B 540 4.32 -20.41 28.19
C PHE B 540 4.31 -19.47 26.99
N LEU B 541 3.20 -18.75 26.79
CA LEU B 541 3.12 -17.78 25.66
C LEU B 541 4.18 -16.69 25.84
N LEU B 542 4.34 -16.19 27.07
CA LEU B 542 5.36 -15.15 27.35
C LEU B 542 6.76 -15.72 27.06
N PHE B 543 7.01 -16.96 27.48
CA PHE B 543 8.34 -17.61 27.27
C PHE B 543 8.65 -17.67 25.78
N VAL B 544 7.70 -18.15 24.96
CA VAL B 544 7.99 -18.33 23.50
C VAL B 544 8.13 -16.95 22.85
N VAL B 545 7.34 -15.96 23.27
CA VAL B 545 7.45 -14.58 22.72
C VAL B 545 8.86 -14.04 23.01
N VAL B 546 9.29 -14.09 24.26
CA VAL B 546 10.65 -13.60 24.65
C VAL B 546 11.70 -14.42 23.88
N VAL B 547 11.57 -15.75 23.91
CA VAL B 547 12.55 -16.64 23.22
C VAL B 547 12.57 -16.33 21.71
N SER B 548 11.40 -16.05 21.12
CA SER B 548 11.31 -15.71 19.68
C SER B 548 12.21 -14.49 19.39
N ILE B 549 12.19 -13.49 20.26
CA ILE B 549 12.97 -12.24 20.05
C ILE B 549 14.44 -12.49 20.46
N ILE B 550 14.67 -13.11 21.61
CA ILE B 550 16.06 -13.31 22.11
C ILE B 550 16.81 -14.23 21.15
N ASN B 551 16.19 -15.34 20.75
CA ASN B 551 16.90 -16.34 19.89
C ASN B 551 16.31 -16.30 18.48
N PHE B 552 16.15 -15.10 17.90
CA PHE B 552 15.67 -14.99 16.51
C PHE B 552 16.77 -15.45 15.57
N LYS B 553 16.41 -16.24 14.55
CA LYS B 553 17.41 -16.70 13.55
C LYS B 553 17.17 -15.93 12.24
N PRO B 554 18.23 -15.49 11.53
CA PRO B 554 18.05 -14.82 10.24
C PRO B 554 17.24 -15.70 9.30
N LEU B 555 16.32 -15.12 8.54
CA LEU B 555 15.42 -15.90 7.66
C LEU B 555 16.21 -16.54 6.50
N THR B 556 15.86 -17.75 6.11
CA THR B 556 16.53 -18.44 5.02
C THR B 556 15.57 -19.36 4.29
N TYR B 557 15.54 -19.30 2.97
CA TYR B 557 14.71 -20.25 2.23
C TYR B 557 15.67 -21.26 1.65
N ASP B 558 15.67 -22.47 2.18
CA ASP B 558 16.59 -23.50 1.71
C ASP B 558 18.02 -22.98 1.77
N ASP B 559 18.76 -23.13 0.68
CA ASP B 559 20.12 -22.61 0.61
C ASP B 559 20.18 -21.10 0.70
N TYR B 560 19.22 -20.41 0.08
CA TYR B 560 19.22 -18.95 0.06
C TYR B 560 19.12 -18.32 1.42
N ILE B 561 19.92 -17.30 1.67
CA ILE B 561 19.86 -16.59 2.94
C ILE B 561 19.35 -15.20 2.66
N PHE B 562 18.34 -14.77 3.40
CA PHE B 562 17.75 -13.47 3.17
C PHE B 562 18.69 -12.28 3.48
N PRO B 563 18.61 -11.16 2.70
CA PRO B 563 19.46 -10.03 3.08
C PRO B 563 19.05 -9.47 4.43
N PRO B 564 19.98 -8.92 5.26
CA PRO B 564 19.63 -8.45 6.58
C PRO B 564 18.41 -7.53 6.63
N TRP B 565 18.23 -6.70 5.60
CA TRP B 565 17.11 -5.72 5.59
C TRP B 565 15.76 -6.47 5.53
N ALA B 566 15.74 -7.64 4.90
CA ALA B 566 14.49 -8.44 4.80
C ALA B 566 14.04 -8.84 6.20
N ASN B 567 15.00 -9.17 7.07
CA ASN B 567 14.68 -9.53 8.49
C ASN B 567 14.07 -8.32 9.20
N TRP B 568 14.61 -7.12 8.95
CA TRP B 568 14.05 -5.88 9.56
C TRP B 568 12.67 -5.61 8.99
N VAL B 569 12.51 -5.80 7.68
CA VAL B 569 11.18 -5.63 7.03
C VAL B 569 10.22 -6.65 7.66
N GLY B 570 10.67 -7.87 7.87
CA GLY B 570 9.83 -8.90 8.51
C GLY B 570 9.44 -8.49 9.91
N TRP B 571 10.41 -7.99 10.71
CA TRP B 571 10.09 -7.51 12.07
C TRP B 571 9.14 -6.31 11.99
N GLY B 572 9.24 -5.50 10.93
CA GLY B 572 8.27 -4.40 10.76
C GLY B 572 6.88 -4.95 10.58
N ILE B 573 6.72 -6.01 9.77
CA ILE B 573 5.40 -6.67 9.57
C ILE B 573 4.91 -7.21 10.92
N ALA B 574 5.78 -7.92 11.64
CA ALA B 574 5.42 -8.46 12.97
C ALA B 574 4.99 -7.32 13.89
N LEU B 575 5.82 -6.28 14.01
CA LEU B 575 5.51 -5.15 14.94
C LEU B 575 4.23 -4.42 14.49
N SER B 576 3.97 -4.35 13.19
CA SER B 576 2.76 -3.65 12.69
C SER B 576 1.53 -4.09 13.49
N SER B 577 1.27 -5.39 13.55
CA SER B 577 0.11 -5.92 14.33
C SER B 577 0.35 -5.68 15.83
N MET B 578 1.57 -5.94 16.30
CA MET B 578 1.87 -5.83 17.76
C MET B 578 1.71 -4.39 18.24
N VAL B 579 2.06 -3.40 17.41
CA VAL B 579 2.03 -1.97 17.88
C VAL B 579 0.57 -1.50 18.00
N LEU B 580 -0.37 -2.19 17.36
CA LEU B 580 -1.80 -1.78 17.40
C LEU B 580 -2.29 -1.79 18.86
N VAL B 581 -1.85 -2.77 19.66
CA VAL B 581 -2.30 -2.89 21.08
C VAL B 581 -1.82 -1.66 21.87
N PRO B 582 -0.51 -1.33 21.92
CA PRO B 582 -0.06 -0.12 22.60
C PRO B 582 -0.71 1.14 22.05
N ILE B 583 -0.76 1.25 20.72
CA ILE B 583 -1.34 2.47 20.07
C ILE B 583 -2.80 2.63 20.52
N TYR B 584 -3.56 1.54 20.59
CA TYR B 584 -5.00 1.65 20.93
C TYR B 584 -5.14 2.14 22.38
N VAL B 585 -4.29 1.62 23.27
CA VAL B 585 -4.32 2.04 24.70
C VAL B 585 -4.03 3.55 24.77
N ILE B 586 -3.01 4.00 24.03
CA ILE B 586 -2.69 5.46 24.00
C ILE B 586 -3.93 6.21 23.49
N TYR B 587 -4.50 5.76 22.37
CA TYR B 587 -5.69 6.42 21.79
C TYR B 587 -6.84 6.39 22.78
N LYS B 588 -7.12 5.23 23.37
CA LYS B 588 -8.29 5.09 24.28
C LYS B 588 -8.15 6.08 25.45
N PHE B 589 -6.96 6.18 26.05
CA PHE B 589 -6.77 7.06 27.22
C PHE B 589 -6.89 8.52 26.79
N LEU B 590 -6.23 8.89 25.68
CA LEU B 590 -6.29 10.28 25.15
C LEU B 590 -7.74 10.61 24.75
N SER B 591 -8.46 9.66 24.17
CA SER B 591 -9.85 9.91 23.69
C SER B 591 -10.82 10.01 24.88
N THR B 592 -10.45 9.42 26.02
CA THR B 592 -11.32 9.44 27.22
C THR B 592 -11.17 10.78 27.90
N GLN B 593 -12.26 11.31 28.45
CA GLN B 593 -12.22 12.61 29.17
C GLN B 593 -12.45 12.37 30.66
N GLY B 594 -11.52 12.81 31.51
CA GLY B 594 -11.66 12.63 32.96
C GLY B 594 -10.31 12.65 33.65
N SER B 595 -10.28 12.35 34.95
CA SER B 595 -8.98 12.28 35.68
C SER B 595 -8.22 11.03 35.22
N LEU B 596 -6.90 11.01 35.42
CA LEU B 596 -6.08 9.82 35.04
C LEU B 596 -6.69 8.56 35.65
N TRP B 597 -7.10 8.62 36.92
CA TRP B 597 -7.77 7.47 37.58
C TRP B 597 -9.05 7.12 36.82
N GLU B 598 -9.89 8.12 36.55
CA GLU B 598 -11.19 7.86 35.88
C GLU B 598 -10.94 7.23 34.51
N ARG B 599 -9.98 7.79 33.75
CA ARG B 599 -9.71 7.28 32.38
C ARG B 599 -9.23 5.83 32.47
N LEU B 600 -8.36 5.52 33.43
CA LEU B 600 -7.82 4.15 33.57
C LEU B 600 -8.96 3.18 33.90
N ALA B 601 -9.86 3.60 34.80
CA ALA B 601 -11.01 2.74 35.18
C ALA B 601 -11.89 2.47 33.94
N TYR B 602 -12.17 3.53 33.17
CA TYR B 602 -13.04 3.37 31.96
C TYR B 602 -12.40 2.39 30.98
N GLY B 603 -11.07 2.29 30.99
CA GLY B 603 -10.37 1.42 30.02
C GLY B 603 -10.30 -0.02 30.50
N ILE B 604 -10.66 -0.30 31.75
CA ILE B 604 -10.52 -1.69 32.29
C ILE B 604 -11.90 -2.22 32.74
N THR B 605 -12.95 -1.39 32.66
CA THR B 605 -14.27 -1.82 33.16
C THR B 605 -15.13 -2.28 31.99
N PRO B 606 -15.98 -3.32 32.18
CA PRO B 606 -16.89 -3.75 31.12
C PRO B 606 -17.69 -2.58 30.60
N GLU B 607 -17.77 -2.43 29.28
CA GLU B 607 -18.45 -1.22 28.70
C GLU B 607 -19.97 -1.30 28.90
N ASN B 608 -20.45 -2.28 29.68
CA ASN B 608 -21.91 -2.38 29.97
C ASN B 608 -22.17 -1.93 31.41
N GLU B 609 -21.11 -1.64 32.17
CA GLU B 609 -21.28 -1.20 33.58
C GLU B 609 -20.32 -0.03 33.87
N HIS B 610 -20.25 0.93 32.95
CA HIS B 610 -19.38 2.13 33.16
C HIS B 610 -19.99 3.00 34.26
N HIS B 611 -21.24 2.75 34.64
CA HIS B 611 -21.89 3.50 35.74
C HIS B 611 -21.17 3.15 37.05
N LEU B 612 -20.63 1.93 37.15
CA LEU B 612 -19.86 1.54 38.36
C LEU B 612 -18.65 2.48 38.51
N VAL B 613 -18.06 2.90 37.38
CA VAL B 613 -16.90 3.84 37.43
C VAL B 613 -17.35 5.11 38.14
N ALA B 614 -18.55 5.61 37.81
CA ALA B 614 -19.10 6.82 38.47
C ALA B 614 -19.31 6.54 39.96
N GLN B 615 -19.70 5.33 40.32
CA GLN B 615 -19.96 4.99 41.71
C GLN B 615 -18.71 4.46 42.39
N ARG B 616 -17.58 4.52 41.70
CA ARG B 616 -16.31 4.04 42.26
C ARG B 616 -16.34 2.57 42.68
N ASP B 617 -17.03 1.73 41.92
CA ASP B 617 -17.08 0.30 42.22
C ASP B 617 -16.23 -0.44 41.21
N ILE B 618 -14.92 -0.32 41.32
CA ILE B 618 -14.00 -0.96 40.32
C ILE B 618 -13.43 -2.24 40.93
N ARG B 619 -13.82 -3.41 40.41
CA ARG B 619 -13.26 -4.70 40.90
C ARG B 619 -11.76 -4.70 40.63
N GLN B 620 -11.32 -4.13 39.51
CA GLN B 620 -9.89 -4.17 39.13
C GLN B 620 -9.05 -3.28 40.08
N PHE B 621 -9.71 -2.46 40.91
CA PHE B 621 -8.97 -1.63 41.89
C PHE B 621 -8.99 -2.34 43.25
N GLN B 622 -9.31 -3.64 43.25
CA GLN B 622 -9.28 -4.44 44.50
C GLN B 622 -8.28 -5.59 44.30
N LEU B 623 -7.44 -5.87 45.30
CA LEU B 623 -6.39 -6.93 45.16
C LEU B 623 -7.05 -8.30 44.92
N GLN B 624 -8.23 -8.53 45.48
CA GLN B 624 -8.92 -9.85 45.36
C GLN B 624 -9.19 -10.16 43.88
N HIS B 625 -9.44 -9.15 43.05
CA HIS B 625 -9.67 -9.36 41.60
C HIS B 625 -8.47 -10.08 41.00
N TRP B 626 -7.27 -9.64 41.34
CA TRP B 626 -6.03 -10.25 40.79
C TRP B 626 -5.65 -11.48 41.61
N LEU B 627 -6.40 -11.74 42.69
CA LEU B 627 -6.14 -12.93 43.54
C LEU B 627 -7.29 -13.94 43.35
N ALA B 628 -8.12 -13.74 42.32
CA ALA B 628 -9.26 -14.65 42.07
C ALA B 628 -8.98 -15.54 40.86
N ILE B 629 -9.28 -16.83 40.97
CA ILE B 629 -9.10 -17.77 39.82
C ILE B 629 -10.48 -18.29 39.40
#